data_7M1T
#
_entry.id   7M1T
#
_cell.length_a   61.050
_cell.length_b   118.676
_cell.length_c   177.305
_cell.angle_alpha   90.000
_cell.angle_beta   90.000
_cell.angle_gamma   90.000
#
_symmetry.space_group_name_H-M   'P 21 21 21'
#
loop_
_entity.id
_entity.type
_entity.pdbx_description
1 polymer 'Hemolysin, contains CBS domains'
2 non-polymer 'MAGNESIUM ION'
3 non-polymer 'SULFATE ION'
4 non-polymer UNDECYL-MALTOSIDE
5 non-polymer "ADENOSINE-5'-TRIPHOSPHATE"
6 non-polymer 'PENTAETHYLENE GLYCOL'
#
_entity_poly.entity_id   1
_entity_poly.type   'polypeptide(L)'
_entity_poly.pdbx_seq_one_letter_code
;MVVIDLLIVEVVLFIAALLFSGFFSSSEVALISITRAKVHALQSQGRKGAKALDTLKRSTDAIQITTLIGSTIANVAVAS
LATAIGITLYGNLGIAVGLVVAAVLVLVFGEIGPKMYASRYTEELALRVSRPILFFSKLLYPVLWVTDRIEQQFAFRPGV
TEPVVTEEEIKEWIDVGEEEGTIEEEERDMLYSVLRFGDTTAREVMTPRVDVVMIEDTATLESALAIFNETGFSRIPVYH
ERIDNIVGLLNVKDVFSAQTSATIRDLMYEPYFIPESKKIDELLKELQVKKQHMAVVLDEYGSFAGIVTVEDMLEELVLE
HHHHHH
;
_entity_poly.pdbx_strand_id   A,B
#
loop_
_chem_comp.id
_chem_comp.type
_chem_comp.name
_chem_comp.formula
1PE non-polymer 'PENTAETHYLENE GLYCOL' 'C10 H22 O6'
ATP non-polymer ADENOSINE-5'-TRIPHOSPHATE 'C10 H16 N5 O13 P3'
MG non-polymer 'MAGNESIUM ION' 'Mg 2'
SO4 non-polymer 'SULFATE ION' 'O4 S -2'
UMQ non-polymer UNDECYL-MALTOSIDE 'C23 H44 O11'
#
# COMPACT_ATOMS: atom_id res chain seq x y z
N ASP A 5 36.01 32.63 -31.33
CA ASP A 5 36.14 31.38 -32.07
C ASP A 5 35.19 30.33 -31.51
N LEU A 6 35.45 29.06 -31.84
CA LEU A 6 34.62 27.97 -31.33
C LEU A 6 34.56 27.99 -29.81
N LEU A 7 35.59 28.53 -29.15
CA LEU A 7 35.56 28.65 -27.70
C LEU A 7 34.36 29.46 -27.24
N ILE A 8 34.09 30.58 -27.91
CA ILE A 8 32.94 31.41 -27.54
C ILE A 8 31.65 30.62 -27.63
N VAL A 9 31.57 29.72 -28.62
CA VAL A 9 30.38 28.89 -28.76
C VAL A 9 30.28 27.89 -27.61
N GLU A 10 31.41 27.53 -27.00
CA GLU A 10 31.39 26.54 -25.93
C GLU A 10 31.01 27.16 -24.60
N VAL A 11 31.66 28.28 -24.24
CA VAL A 11 31.44 28.88 -22.92
C VAL A 11 29.99 29.34 -22.77
N VAL A 12 29.35 29.72 -23.87
CA VAL A 12 27.96 30.17 -23.79
C VAL A 12 27.04 28.99 -23.49
N LEU A 13 27.17 27.90 -24.26
CA LEU A 13 26.38 26.72 -23.97
C LEU A 13 26.69 26.17 -22.59
N PHE A 14 27.90 26.43 -22.08
CA PHE A 14 28.28 25.95 -20.76
C PHE A 14 27.40 26.59 -19.68
N ILE A 15 27.19 27.90 -19.77
CA ILE A 15 26.34 28.58 -18.81
C ILE A 15 24.89 28.15 -18.99
N ALA A 16 24.37 28.28 -20.21
CA ALA A 16 22.98 27.90 -20.48
C ALA A 16 22.68 26.51 -19.94
N ALA A 17 23.55 25.54 -20.25
CA ALA A 17 23.36 24.20 -19.71
C ALA A 17 23.35 24.23 -18.19
N LEU A 18 24.20 25.07 -17.58
CA LEU A 18 24.25 25.15 -16.13
C LEU A 18 22.97 25.76 -15.55
N LEU A 19 22.24 26.55 -16.33
CA LEU A 19 20.96 27.07 -15.86
C LEU A 19 19.87 26.01 -15.96
N PHE A 20 19.81 25.30 -17.10
CA PHE A 20 18.90 24.17 -17.20
C PHE A 20 19.16 23.17 -16.08
N SER A 21 20.42 22.78 -15.90
CA SER A 21 20.77 21.83 -14.85
C SER A 21 20.19 22.25 -13.50
N GLY A 22 20.25 23.55 -13.19
CA GLY A 22 19.69 24.04 -11.94
C GLY A 22 18.21 24.30 -11.99
N PHE A 23 17.63 24.44 -13.18
CA PHE A 23 16.19 24.65 -13.30
C PHE A 23 15.43 23.38 -12.96
N PHE A 24 15.90 22.24 -13.46
CA PHE A 24 15.21 20.98 -13.22
C PHE A 24 15.37 20.54 -11.77
N SER A 25 16.61 20.60 -11.26
CA SER A 25 16.85 20.18 -9.87
C SER A 25 15.95 20.94 -8.90
N SER A 26 15.83 22.26 -9.10
CA SER A 26 15.01 23.07 -8.20
C SER A 26 13.53 22.91 -8.48
N SER A 27 13.16 22.57 -9.71
CA SER A 27 11.74 22.33 -10.01
C SER A 27 11.27 20.99 -9.45
N GLU A 28 12.16 19.98 -9.43
CA GLU A 28 11.81 18.71 -8.82
C GLU A 28 11.49 18.87 -7.34
N VAL A 29 12.38 19.54 -6.60
CA VAL A 29 12.17 19.73 -5.16
C VAL A 29 10.90 20.54 -4.91
N ALA A 30 10.76 21.67 -5.60
CA ALA A 30 9.62 22.55 -5.35
C ALA A 30 8.31 21.86 -5.68
N LEU A 31 8.26 21.13 -6.80
CA LEU A 31 7.02 20.50 -7.21
C LEU A 31 6.62 19.36 -6.28
N ILE A 32 7.59 18.70 -5.65
CA ILE A 32 7.32 17.53 -4.83
C ILE A 32 7.25 17.92 -3.36
N SER A 33 7.99 18.96 -2.97
CA SER A 33 7.95 19.41 -1.58
C SER A 33 6.60 20.01 -1.22
N ILE A 34 5.90 20.58 -2.20
CA ILE A 34 4.63 21.25 -1.92
C ILE A 34 3.60 20.22 -1.50
N THR A 35 2.79 20.58 -0.50
CA THR A 35 1.80 19.67 0.06
C THR A 35 0.57 19.60 -0.83
N ARG A 36 -0.19 18.51 -0.67
CA ARG A 36 -1.43 18.36 -1.41
C ARG A 36 -2.49 19.36 -0.95
N ALA A 37 -2.40 19.83 0.29
CA ALA A 37 -3.35 20.83 0.78
C ALA A 37 -3.08 22.19 0.14
N LYS A 38 -1.81 22.53 -0.07
CA LYS A 38 -1.49 23.82 -0.67
C LYS A 38 -1.97 23.90 -2.11
N VAL A 39 -1.79 22.83 -2.89
CA VAL A 39 -2.23 22.84 -4.28
C VAL A 39 -3.75 22.96 -4.34
N HIS A 40 -4.46 22.22 -3.48
CA HIS A 40 -5.92 22.32 -3.47
C HIS A 40 -6.37 23.74 -3.14
N ALA A 41 -5.62 24.44 -2.29
CA ALA A 41 -5.94 25.84 -1.99
C ALA A 41 -5.62 26.72 -3.19
N LEU A 42 -4.42 26.59 -3.74
CA LEU A 42 -4.09 27.32 -4.96
C LEU A 42 -5.03 26.95 -6.10
N GLN A 43 -5.57 25.73 -6.07
CA GLN A 43 -6.54 25.32 -7.09
C GLN A 43 -7.81 26.14 -6.98
N SER A 44 -8.39 26.22 -5.78
CA SER A 44 -9.59 27.02 -5.58
C SER A 44 -9.30 28.50 -5.79
N GLN A 45 -8.21 29.00 -5.21
CA GLN A 45 -7.82 30.38 -5.42
C GLN A 45 -7.60 30.67 -6.91
N GLY A 46 -7.18 29.66 -7.67
CA GLY A 46 -7.05 29.78 -9.10
C GLY A 46 -5.89 30.66 -9.53
N ARG A 47 -4.73 30.45 -8.94
CA ARG A 47 -3.57 31.25 -9.28
C ARG A 47 -2.90 30.71 -10.54
N LYS A 48 -2.08 31.56 -11.15
CA LYS A 48 -1.38 31.18 -12.38
C LYS A 48 -0.46 30.00 -12.11
N GLY A 49 -0.60 28.96 -12.93
CA GLY A 49 0.22 27.77 -12.81
C GLY A 49 -0.29 26.73 -11.84
N ALA A 50 -1.49 26.90 -11.29
CA ALA A 50 -2.03 25.97 -10.32
C ALA A 50 -2.71 24.77 -11.00
N LYS A 51 -3.59 25.04 -11.97
CA LYS A 51 -4.25 23.95 -12.68
C LYS A 51 -3.22 23.02 -13.31
N ALA A 52 -2.15 23.57 -13.86
CA ALA A 52 -1.09 22.76 -14.43
C ALA A 52 -0.25 22.07 -13.36
N LEU A 53 -0.23 22.61 -12.14
CA LEU A 53 0.45 21.95 -11.04
C LEU A 53 -0.36 20.79 -10.49
N ASP A 54 -1.68 20.98 -10.37
CA ASP A 54 -2.54 19.90 -9.87
C ASP A 54 -2.41 18.66 -10.72
N THR A 55 -2.33 18.82 -12.05
CA THR A 55 -2.17 17.68 -12.93
C THR A 55 -0.75 17.14 -12.88
N LEU A 56 0.24 18.03 -12.74
CA LEU A 56 1.62 17.59 -12.74
C LEU A 56 1.93 16.73 -11.52
N LYS A 57 1.25 16.95 -10.41
CA LYS A 57 1.50 16.17 -9.20
C LYS A 57 0.75 14.84 -9.18
N ARG A 58 -0.18 14.61 -10.11
CA ARG A 58 -0.94 13.37 -10.10
C ARG A 58 -0.03 12.15 -10.14
N SER A 59 1.11 12.26 -10.82
CA SER A 59 2.09 11.17 -10.89
C SER A 59 3.44 11.74 -10.48
N THR A 60 3.82 11.52 -9.21
CA THR A 60 5.09 12.03 -8.70
C THR A 60 6.28 11.37 -9.38
N ASP A 61 6.09 10.27 -10.10
CA ASP A 61 7.20 9.65 -10.81
C ASP A 61 7.49 10.38 -12.11
N ALA A 62 6.44 10.87 -12.79
CA ALA A 62 6.65 11.63 -14.01
C ALA A 62 7.42 12.92 -13.77
N ILE A 63 7.41 13.43 -12.54
CA ILE A 63 8.14 14.65 -12.24
C ILE A 63 9.63 14.37 -12.07
N GLN A 64 9.98 13.19 -11.53
CA GLN A 64 11.38 12.89 -11.27
C GLN A 64 12.13 12.49 -12.53
N ILE A 65 11.45 11.83 -13.47
CA ILE A 65 12.12 11.37 -14.69
C ILE A 65 12.38 12.56 -15.62
N THR A 66 11.44 13.51 -15.68
CA THR A 66 11.65 14.68 -16.52
C THR A 66 12.71 15.60 -15.94
N THR A 67 12.62 15.90 -14.66
CA THR A 67 13.65 16.72 -14.02
C THR A 67 14.99 16.01 -13.95
N LEU A 68 15.01 14.68 -14.01
CA LEU A 68 16.26 13.94 -14.07
C LEU A 68 16.85 14.01 -15.48
N ILE A 69 16.09 13.58 -16.48
CA ILE A 69 16.56 13.65 -17.86
C ILE A 69 17.04 15.06 -18.17
N GLY A 70 16.31 16.07 -17.71
CA GLY A 70 16.70 17.45 -17.91
C GLY A 70 17.99 17.78 -17.20
N SER A 71 18.01 17.61 -15.88
CA SER A 71 19.19 17.96 -15.10
C SER A 71 20.39 17.09 -15.50
N THR A 72 20.15 15.84 -15.87
CA THR A 72 21.26 14.96 -16.27
C THR A 72 21.83 15.40 -17.61
N ILE A 73 20.98 15.50 -18.63
CA ILE A 73 21.43 15.96 -19.94
C ILE A 73 22.21 17.25 -19.80
N ALA A 74 21.63 18.24 -19.09
CA ALA A 74 22.30 19.52 -18.92
C ALA A 74 23.63 19.36 -18.19
N ASN A 75 23.65 18.56 -17.12
CA ASN A 75 24.89 18.38 -16.36
C ASN A 75 26.00 17.82 -17.23
N VAL A 76 25.67 16.80 -18.03
CA VAL A 76 26.67 16.24 -18.95
C VAL A 76 27.15 17.32 -19.92
N ALA A 77 26.22 18.11 -20.45
CA ALA A 77 26.61 19.20 -21.35
C ALA A 77 27.54 20.17 -20.66
N VAL A 78 27.27 20.50 -19.39
CA VAL A 78 28.16 21.37 -18.64
C VAL A 78 29.55 20.77 -18.57
N ALA A 79 29.65 19.46 -18.34
CA ALA A 79 30.94 18.82 -18.27
C ALA A 79 31.58 18.70 -19.64
N SER A 80 30.78 18.36 -20.66
CA SER A 80 31.31 18.21 -22.02
C SER A 80 32.03 19.48 -22.46
N LEU A 81 31.40 20.63 -22.24
CA LEU A 81 31.98 21.90 -22.69
C LEU A 81 33.16 22.34 -21.82
N ALA A 82 33.25 21.82 -20.60
CA ALA A 82 34.40 22.13 -19.76
C ALA A 82 35.62 21.32 -20.18
N THR A 83 35.44 20.01 -20.37
CA THR A 83 36.53 19.20 -20.90
C THR A 83 36.94 19.66 -22.30
N ALA A 84 36.01 20.25 -23.05
CA ALA A 84 36.33 20.72 -24.39
C ALA A 84 37.01 22.08 -24.34
N ILE A 85 36.41 23.05 -23.65
CA ILE A 85 37.03 24.37 -23.51
C ILE A 85 38.43 24.23 -22.92
N GLY A 86 38.51 23.69 -21.71
CA GLY A 86 39.81 23.53 -21.08
C GLY A 86 40.80 22.80 -21.98
N ILE A 87 40.32 21.82 -22.75
CA ILE A 87 41.20 21.09 -23.65
C ILE A 87 41.70 22.00 -24.75
N THR A 88 40.84 22.92 -25.22
CA THR A 88 41.26 23.86 -26.26
C THR A 88 42.37 24.77 -25.76
N LEU A 89 42.43 25.02 -24.45
CA LEU A 89 43.45 25.88 -23.85
C LEU A 89 44.60 25.08 -23.25
N TYR A 90 44.31 24.06 -22.46
CA TYR A 90 45.31 23.32 -21.71
C TYR A 90 45.57 21.94 -22.31
N GLY A 91 45.27 21.76 -23.59
CA GLY A 91 45.50 20.48 -24.25
C GLY A 91 44.80 19.33 -23.55
N ASN A 92 45.58 18.45 -22.91
CA ASN A 92 45.00 17.35 -22.16
C ASN A 92 44.89 17.64 -20.67
N LEU A 93 45.56 18.68 -20.16
CA LEU A 93 45.29 19.15 -18.81
C LEU A 93 43.90 19.76 -18.70
N GLY A 94 43.25 20.03 -19.83
CA GLY A 94 41.90 20.58 -19.79
C GLY A 94 40.87 19.56 -19.37
N ILE A 95 41.04 18.29 -19.79
CA ILE A 95 40.11 17.25 -19.38
C ILE A 95 40.04 17.18 -17.87
N ALA A 96 41.16 17.42 -17.19
CA ALA A 96 41.15 17.49 -15.73
C ALA A 96 40.59 18.82 -15.26
N VAL A 97 41.06 19.92 -15.84
CA VAL A 97 40.53 21.23 -15.49
C VAL A 97 39.02 21.27 -15.73
N GLY A 98 38.56 20.70 -16.84
CA GLY A 98 37.14 20.67 -17.11
C GLY A 98 36.39 19.78 -16.12
N LEU A 99 36.86 18.56 -15.94
CA LEU A 99 36.25 17.65 -14.97
C LEU A 99 36.16 18.30 -13.60
N VAL A 100 37.30 18.76 -13.08
CA VAL A 100 37.34 19.30 -11.72
C VAL A 100 36.42 20.51 -11.61
N VAL A 101 36.51 21.42 -12.58
CA VAL A 101 35.69 22.63 -12.54
C VAL A 101 34.21 22.26 -12.67
N ALA A 102 33.85 21.56 -13.75
CA ALA A 102 32.46 21.15 -13.93
C ALA A 102 31.96 20.39 -12.72
N ALA A 103 32.80 19.53 -12.14
CA ALA A 103 32.36 18.73 -10.99
C ALA A 103 31.93 19.61 -9.84
N VAL A 104 32.53 20.78 -9.69
CA VAL A 104 32.16 21.67 -8.60
C VAL A 104 31.03 22.61 -9.00
N LEU A 105 30.98 23.04 -10.26
CA LEU A 105 29.91 23.93 -10.70
C LEU A 105 28.58 23.22 -10.68
N VAL A 106 28.49 22.04 -11.30
CA VAL A 106 27.24 21.28 -11.29
C VAL A 106 26.78 21.05 -9.86
N LEU A 107 27.70 20.68 -8.97
CA LEU A 107 27.32 20.38 -7.59
C LEU A 107 26.75 21.62 -6.91
N VAL A 108 27.45 22.75 -7.01
CA VAL A 108 27.08 23.94 -6.25
C VAL A 108 26.00 24.77 -6.95
N PHE A 109 25.81 24.61 -8.25
CA PHE A 109 24.85 25.43 -8.99
C PHE A 109 23.81 24.63 -9.77
N GLY A 110 24.04 23.34 -10.02
CA GLY A 110 23.07 22.54 -10.74
C GLY A 110 22.38 21.52 -9.85
N GLU A 111 22.89 21.32 -8.64
CA GLU A 111 22.37 20.29 -7.76
C GLU A 111 22.07 20.83 -6.37
N ILE A 112 23.10 20.94 -5.53
CA ILE A 112 22.88 21.33 -4.13
C ILE A 112 22.24 22.70 -4.05
N GLY A 113 22.76 23.66 -4.83
CA GLY A 113 22.25 25.01 -4.80
C GLY A 113 20.76 25.06 -5.09
N PRO A 114 20.37 24.68 -6.31
CA PRO A 114 18.95 24.70 -6.67
C PRO A 114 18.06 23.95 -5.69
N LYS A 115 18.57 22.90 -5.06
CA LYS A 115 17.76 22.12 -4.13
C LYS A 115 17.43 22.93 -2.89
N MET A 116 18.45 23.48 -2.23
CA MET A 116 18.22 24.23 -1.00
C MET A 116 17.34 25.45 -1.26
N TYR A 117 17.58 26.14 -2.38
CA TYR A 117 16.78 27.31 -2.70
C TYR A 117 15.31 26.97 -2.88
N ALA A 118 15.02 25.76 -3.39
CA ALA A 118 13.63 25.38 -3.63
C ALA A 118 12.90 25.07 -2.33
N SER A 119 13.60 24.56 -1.33
CA SER A 119 12.93 24.16 -0.09
C SER A 119 12.31 25.35 0.62
N ARG A 120 12.89 26.54 0.49
CA ARG A 120 12.37 27.73 1.14
C ARG A 120 11.39 28.50 0.26
N TYR A 121 11.35 28.23 -1.04
CA TYR A 121 10.47 28.92 -1.99
C TYR A 121 9.63 27.92 -2.75
N THR A 122 9.13 26.90 -2.05
CA THR A 122 8.41 25.82 -2.73
C THR A 122 7.16 26.34 -3.44
N GLU A 123 6.40 27.22 -2.80
CA GLU A 123 5.13 27.68 -3.37
C GLU A 123 5.35 28.50 -4.63
N GLU A 124 6.10 29.60 -4.51
CA GLU A 124 6.27 30.51 -5.64
C GLU A 124 6.93 29.81 -6.82
N LEU A 125 7.94 28.97 -6.55
CA LEU A 125 8.68 28.35 -7.63
C LEU A 125 7.85 27.27 -8.33
N ALA A 126 7.06 26.51 -7.57
CA ALA A 126 6.27 25.44 -8.17
C ALA A 126 5.35 25.97 -9.26
N LEU A 127 4.76 27.15 -9.04
CA LEU A 127 3.84 27.71 -10.04
C LEU A 127 4.58 28.18 -11.28
N ARG A 128 5.75 28.79 -11.09
CA ARG A 128 6.51 29.29 -12.23
C ARG A 128 7.12 28.16 -13.06
N VAL A 129 7.28 26.97 -12.48
CA VAL A 129 7.91 25.85 -13.18
C VAL A 129 6.93 24.72 -13.47
N SER A 130 5.70 24.78 -12.97
CA SER A 130 4.72 23.74 -13.29
C SER A 130 4.44 23.72 -14.78
N ARG A 131 4.40 24.89 -15.42
CA ARG A 131 4.09 24.95 -16.85
C ARG A 131 5.24 24.40 -17.68
N PRO A 132 6.47 24.92 -17.57
CA PRO A 132 7.56 24.37 -18.40
C PRO A 132 7.83 22.89 -18.11
N ILE A 133 7.88 22.49 -16.84
CA ILE A 133 8.18 21.09 -16.53
C ILE A 133 7.07 20.18 -17.03
N LEU A 134 5.81 20.63 -16.91
CA LEU A 134 4.71 19.85 -17.49
C LEU A 134 4.85 19.75 -19.00
N PHE A 135 5.22 20.86 -19.64
CA PHE A 135 5.45 20.84 -21.08
C PHE A 135 6.46 19.76 -21.45
N PHE A 136 7.63 19.79 -20.80
CA PHE A 136 8.62 18.74 -21.02
C PHE A 136 8.01 17.36 -20.79
N SER A 137 7.23 17.21 -19.72
CA SER A 137 6.66 15.90 -19.39
C SER A 137 5.91 15.32 -20.58
N LYS A 138 5.16 16.15 -21.31
CA LYS A 138 4.45 15.65 -22.47
C LYS A 138 5.41 15.28 -23.60
N LEU A 139 6.58 15.94 -23.65
CA LEU A 139 7.59 15.55 -24.64
C LEU A 139 8.20 14.20 -24.32
N LEU A 140 8.32 13.88 -23.03
CA LEU A 140 8.90 12.60 -22.61
C LEU A 140 7.89 11.45 -22.69
N TYR A 141 6.69 11.68 -23.21
CA TYR A 141 5.68 10.63 -23.25
C TYR A 141 6.22 9.31 -23.80
N PRO A 142 7.04 9.27 -24.85
CA PRO A 142 7.61 7.99 -25.27
C PRO A 142 8.38 7.30 -24.15
N VAL A 143 9.15 8.06 -23.37
CA VAL A 143 9.87 7.47 -22.25
C VAL A 143 8.90 7.04 -21.15
N LEU A 144 7.87 7.85 -20.90
CA LEU A 144 6.88 7.46 -19.90
C LEU A 144 6.12 6.22 -20.32
N TRP A 145 5.99 5.98 -21.62
CA TRP A 145 5.32 4.77 -22.09
C TRP A 145 6.15 3.54 -21.78
N VAL A 146 7.44 3.55 -22.13
CA VAL A 146 8.29 2.40 -21.89
C VAL A 146 8.43 2.13 -20.40
N THR A 147 8.71 3.17 -19.62
CA THR A 147 8.87 3.00 -18.18
C THR A 147 7.65 2.33 -17.56
N ASP A 148 6.46 2.69 -18.04
CA ASP A 148 5.24 2.13 -17.48
C ASP A 148 4.99 0.69 -17.92
N ARG A 149 5.82 0.15 -18.82
CA ARG A 149 5.72 -1.24 -19.22
C ARG A 149 6.75 -2.13 -18.54
N ILE A 150 7.88 -1.57 -18.11
CA ILE A 150 8.86 -2.34 -17.36
C ILE A 150 8.32 -2.56 -15.96
N GLU A 151 7.72 -3.72 -15.73
CA GLU A 151 7.07 -4.02 -14.46
C GLU A 151 7.99 -4.72 -13.47
N GLN A 152 9.25 -4.93 -13.84
CA GLN A 152 10.25 -5.39 -12.89
C GLN A 152 10.82 -4.24 -12.05
N GLN A 153 10.52 -3.01 -12.44
CA GLN A 153 10.96 -1.81 -11.72
C GLN A 153 9.85 -1.31 -10.81
N PHE A 154 10.24 -0.41 -9.91
CA PHE A 154 9.25 0.34 -9.12
C PHE A 154 9.76 1.76 -8.84
N ALA A 155 10.77 2.22 -9.56
CA ALA A 155 11.32 3.56 -9.40
C ALA A 155 10.52 4.58 -10.22
N PHE A 156 10.39 4.34 -11.52
CA PHE A 156 9.75 5.29 -12.43
C PHE A 156 8.60 4.56 -13.14
N ARG A 157 7.41 4.63 -12.55
CA ARG A 157 6.19 4.08 -13.14
C ARG A 157 5.12 5.17 -13.08
N PRO A 158 5.06 6.04 -14.09
CA PRO A 158 4.19 7.22 -13.98
C PRO A 158 2.72 6.89 -13.84
N GLY A 159 2.25 5.83 -14.48
CA GLY A 159 0.83 5.53 -14.44
C GLY A 159 -0.04 6.55 -15.13
N VAL A 160 0.54 7.36 -16.02
CA VAL A 160 -0.18 8.34 -16.82
C VAL A 160 -0.24 7.92 -18.28
N THR A 161 0.17 6.70 -18.60
CA THR A 161 0.11 6.16 -19.96
C THR A 161 -0.93 5.07 -20.10
N GLU A 162 -1.95 5.07 -19.25
CA GLU A 162 -3.03 4.09 -19.28
C GLU A 162 -2.47 2.66 -19.24
N PRO A 163 -1.78 2.28 -18.16
CA PRO A 163 -1.37 0.89 -18.00
C PRO A 163 -2.48 0.02 -17.45
N VAL A 164 -2.35 -1.28 -17.67
CA VAL A 164 -3.31 -2.26 -17.18
C VAL A 164 -2.89 -2.64 -15.77
N VAL A 165 -3.50 -1.98 -14.77
CA VAL A 165 -3.18 -2.23 -13.36
C VAL A 165 -4.13 -3.31 -12.87
N THR A 166 -3.66 -4.56 -12.93
CA THR A 166 -4.45 -5.70 -12.47
C THR A 166 -3.97 -6.16 -11.11
N GLU A 167 -4.72 -7.11 -10.54
CA GLU A 167 -4.34 -7.72 -9.27
C GLU A 167 -2.86 -8.11 -9.26
N GLU A 168 -2.35 -8.61 -10.39
CA GLU A 168 -0.95 -9.00 -10.47
C GLU A 168 -0.03 -7.83 -10.13
N GLU A 169 -0.28 -6.67 -10.73
CA GLU A 169 0.61 -5.52 -10.54
C GLU A 169 0.59 -5.05 -9.10
N ILE A 170 -0.60 -4.96 -8.48
CA ILE A 170 -0.68 -4.53 -7.10
C ILE A 170 0.14 -5.46 -6.20
N LYS A 171 0.02 -6.77 -6.42
CA LYS A 171 0.81 -7.71 -5.63
C LYS A 171 2.30 -7.40 -5.73
N GLU A 172 2.77 -7.10 -6.94
CA GLU A 172 4.17 -6.72 -7.10
C GLU A 172 4.52 -5.54 -6.20
N TRP A 173 3.62 -4.55 -6.11
CA TRP A 173 3.88 -3.39 -5.27
C TRP A 173 3.88 -3.77 -3.80
N ILE A 174 2.93 -4.61 -3.38
CA ILE A 174 2.83 -5.00 -1.98
C ILE A 174 4.05 -5.80 -1.56
N ASP A 175 4.54 -6.67 -2.45
CA ASP A 175 5.74 -7.45 -2.15
C ASP A 175 6.90 -6.53 -1.80
N VAL A 176 7.06 -5.44 -2.54
CA VAL A 176 8.14 -4.50 -2.25
C VAL A 176 7.91 -3.82 -0.91
N GLY A 177 6.67 -3.44 -0.63
CA GLY A 177 6.37 -2.77 0.63
C GLY A 177 6.82 -3.58 1.83
N GLU A 178 6.52 -4.88 1.82
CA GLU A 178 6.93 -5.72 2.94
C GLU A 178 8.45 -5.80 3.06
N GLU A 179 9.16 -5.74 1.94
CA GLU A 179 10.61 -5.93 1.98
C GLU A 179 11.33 -4.75 2.61
N GLU A 180 10.77 -3.55 2.48
CA GLU A 180 11.43 -2.36 3.00
C GLU A 180 10.83 -1.88 4.32
N GLY A 181 9.76 -2.49 4.80
CA GLY A 181 9.20 -2.19 6.10
C GLY A 181 8.03 -1.24 6.09
N THR A 182 7.72 -0.60 4.95
CA THR A 182 6.57 0.28 4.89
C THR A 182 5.26 -0.48 5.07
N ILE A 183 5.26 -1.78 4.78
CA ILE A 183 4.12 -2.66 5.03
C ILE A 183 4.61 -3.80 5.90
N GLU A 184 3.85 -4.10 6.95
CA GLU A 184 4.26 -5.15 7.86
C GLU A 184 4.12 -6.52 7.20
N GLU A 185 4.91 -7.48 7.69
CA GLU A 185 4.88 -8.81 7.11
C GLU A 185 3.51 -9.43 7.22
N GLU A 186 2.81 -9.16 8.33
CA GLU A 186 1.51 -9.79 8.56
C GLU A 186 0.41 -9.13 7.71
N GLU A 187 0.41 -7.81 7.63
CA GLU A 187 -0.63 -7.12 6.88
C GLU A 187 -0.44 -7.25 5.37
N ARG A 188 0.65 -7.88 4.92
CA ARG A 188 0.76 -8.24 3.50
C ARG A 188 0.01 -9.53 3.21
N ASP A 189 0.15 -10.53 4.10
CA ASP A 189 -0.60 -11.77 3.92
C ASP A 189 -2.10 -11.49 3.86
N MET A 190 -2.55 -10.43 4.52
CA MET A 190 -3.96 -10.08 4.46
C MET A 190 -4.33 -9.50 3.09
N LEU A 191 -3.50 -8.61 2.55
CA LEU A 191 -3.77 -8.05 1.24
C LEU A 191 -3.85 -9.13 0.18
N TYR A 192 -2.88 -10.04 0.17
CA TYR A 192 -2.95 -11.18 -0.74
C TYR A 192 -4.23 -11.98 -0.53
N SER A 193 -4.70 -12.06 0.71
CA SER A 193 -5.92 -12.81 0.99
C SER A 193 -7.13 -12.13 0.36
N VAL A 194 -7.36 -10.86 0.71
CA VAL A 194 -8.52 -10.16 0.18
C VAL A 194 -8.39 -9.95 -1.32
N LEU A 195 -7.16 -9.85 -1.83
CA LEU A 195 -6.96 -9.72 -3.27
C LEU A 195 -7.57 -10.90 -4.02
N ARG A 196 -7.31 -12.12 -3.53
CA ARG A 196 -7.88 -13.31 -4.14
C ARG A 196 -9.28 -13.61 -3.64
N PHE A 197 -9.72 -12.96 -2.56
CA PHE A 197 -11.10 -13.11 -2.11
C PHE A 197 -12.07 -12.50 -3.12
N GLY A 198 -11.68 -11.39 -3.75
CA GLY A 198 -12.56 -10.75 -4.71
C GLY A 198 -12.75 -11.58 -5.97
N ASP A 199 -11.78 -12.43 -6.30
CA ASP A 199 -11.92 -13.28 -7.47
C ASP A 199 -12.97 -14.36 -7.28
N THR A 200 -13.26 -14.73 -6.04
CA THR A 200 -14.24 -15.78 -5.78
C THR A 200 -15.65 -15.29 -6.07
N THR A 201 -16.47 -16.18 -6.59
CA THR A 201 -17.86 -15.88 -6.92
C THR A 201 -18.78 -16.54 -5.88
N ALA A 202 -20.09 -16.42 -6.11
CA ALA A 202 -21.05 -17.00 -5.21
C ALA A 202 -21.05 -18.52 -5.29
N ARG A 203 -21.20 -19.05 -6.51
CA ARG A 203 -21.29 -20.50 -6.68
C ARG A 203 -20.11 -21.22 -6.05
N GLU A 204 -18.93 -20.60 -6.06
CA GLU A 204 -17.73 -21.26 -5.57
C GLU A 204 -17.71 -21.40 -4.05
N VAL A 205 -18.59 -20.69 -3.33
CA VAL A 205 -18.60 -20.73 -1.88
C VAL A 205 -20.03 -20.93 -1.37
N MET A 206 -20.96 -21.20 -2.28
CA MET A 206 -22.34 -21.38 -1.90
C MET A 206 -22.57 -22.78 -1.37
N THR A 207 -23.82 -23.04 -0.97
CA THR A 207 -24.27 -24.38 -0.62
C THR A 207 -25.23 -24.84 -1.72
N PRO A 208 -24.96 -25.93 -2.43
CA PRO A 208 -25.82 -26.32 -3.54
C PRO A 208 -27.23 -26.63 -3.06
N ARG A 209 -28.20 -26.39 -3.94
CA ARG A 209 -29.61 -26.63 -3.60
C ARG A 209 -29.81 -28.00 -2.97
N VAL A 210 -29.02 -28.99 -3.39
CA VAL A 210 -29.21 -30.36 -2.93
C VAL A 210 -29.02 -30.49 -1.43
N ASP A 211 -28.26 -29.60 -0.80
CA ASP A 211 -27.97 -29.67 0.62
C ASP A 211 -28.79 -28.68 1.44
N VAL A 212 -29.66 -27.91 0.81
CA VAL A 212 -30.39 -26.85 1.52
C VAL A 212 -31.60 -27.44 2.23
N VAL A 213 -31.95 -26.84 3.36
CA VAL A 213 -33.14 -27.20 4.13
C VAL A 213 -34.15 -26.07 3.96
N MET A 214 -35.34 -26.41 3.46
CA MET A 214 -36.41 -25.42 3.24
C MET A 214 -37.65 -25.84 4.03
N ILE A 215 -38.71 -25.05 3.86
CA ILE A 215 -40.00 -25.33 4.48
C ILE A 215 -41.08 -24.69 3.63
N GLU A 216 -42.09 -25.48 3.27
CA GLU A 216 -43.18 -24.96 2.46
C GLU A 216 -43.96 -23.91 3.24
N ASP A 217 -44.32 -22.82 2.55
CA ASP A 217 -45.01 -21.72 3.21
C ASP A 217 -46.39 -22.11 3.72
N THR A 218 -46.89 -23.29 3.38
CA THR A 218 -48.19 -23.75 3.83
C THR A 218 -48.13 -24.60 5.09
N ALA A 219 -46.96 -24.77 5.69
CA ALA A 219 -46.82 -25.54 6.92
C ALA A 219 -47.17 -24.68 8.12
N THR A 220 -47.14 -25.29 9.30
CA THR A 220 -47.46 -24.62 10.55
C THR A 220 -46.20 -24.37 11.36
N LEU A 221 -46.27 -23.38 12.25
CA LEU A 221 -45.11 -23.04 13.08
C LEU A 221 -44.65 -24.24 13.90
N GLU A 222 -45.59 -25.03 14.41
CA GLU A 222 -45.21 -26.24 15.14
C GLU A 222 -44.28 -27.11 14.31
N SER A 223 -44.46 -27.10 12.99
CA SER A 223 -43.54 -27.81 12.10
C SER A 223 -42.25 -27.03 11.89
N ALA A 224 -42.34 -25.69 11.84
CA ALA A 224 -41.17 -24.87 11.61
C ALA A 224 -40.14 -25.07 12.72
N LEU A 225 -40.55 -24.85 13.97
CA LEU A 225 -39.63 -25.04 15.09
C LEU A 225 -39.00 -26.43 15.05
N ALA A 226 -39.78 -27.45 14.68
CA ALA A 226 -39.25 -28.80 14.61
C ALA A 226 -38.09 -28.88 13.63
N ILE A 227 -38.19 -28.18 12.50
CA ILE A 227 -37.08 -28.17 11.54
C ILE A 227 -35.84 -27.55 12.19
N PHE A 228 -35.99 -26.34 12.73
CA PHE A 228 -34.87 -25.66 13.36
C PHE A 228 -34.24 -26.52 14.45
N ASN A 229 -35.07 -27.05 15.36
CA ASN A 229 -34.57 -27.85 16.46
C ASN A 229 -33.93 -29.16 16.01
N GLU A 230 -34.12 -29.55 14.74
CA GLU A 230 -33.52 -30.75 14.19
C GLU A 230 -32.30 -30.45 13.34
N THR A 231 -32.40 -29.47 12.44
CA THR A 231 -31.27 -29.11 11.59
C THR A 231 -30.29 -28.18 12.30
N GLY A 232 -30.70 -27.55 13.39
CA GLY A 232 -29.83 -26.65 14.13
C GLY A 232 -29.66 -25.28 13.54
N PHE A 233 -29.94 -25.09 12.25
CA PHE A 233 -29.75 -23.80 11.62
C PHE A 233 -30.59 -22.73 12.30
N SER A 234 -30.37 -21.49 11.88
CA SER A 234 -31.13 -20.35 12.38
C SER A 234 -31.98 -19.70 11.30
N ARG A 235 -31.80 -20.08 10.03
CA ARG A 235 -32.58 -19.52 8.93
C ARG A 235 -32.71 -20.56 7.84
N ILE A 236 -33.90 -20.67 7.26
CA ILE A 236 -34.17 -21.63 6.20
C ILE A 236 -35.03 -20.98 5.13
N PRO A 237 -34.76 -21.20 3.84
CA PRO A 237 -35.59 -20.58 2.80
C PRO A 237 -37.03 -21.08 2.82
N VAL A 238 -37.86 -20.50 1.95
CA VAL A 238 -39.25 -20.88 1.80
C VAL A 238 -39.58 -20.91 0.31
N TYR A 239 -40.52 -21.77 -0.06
CA TYR A 239 -40.90 -21.95 -1.46
C TYR A 239 -42.41 -22.01 -1.56
N HIS A 240 -42.91 -22.09 -2.79
CA HIS A 240 -44.34 -22.11 -3.06
C HIS A 240 -44.62 -23.13 -4.16
N GLU A 241 -45.04 -24.33 -3.76
CA GLU A 241 -45.50 -25.35 -4.70
C GLU A 241 -44.39 -25.92 -5.57
N ARG A 242 -43.19 -25.35 -5.50
CA ARG A 242 -42.08 -25.80 -6.32
C ARG A 242 -40.77 -25.52 -5.58
N ILE A 243 -39.78 -26.38 -5.82
CA ILE A 243 -38.49 -26.18 -5.19
C ILE A 243 -37.69 -25.10 -5.92
N ASP A 244 -37.90 -24.94 -7.23
CA ASP A 244 -37.18 -23.91 -7.97
C ASP A 244 -37.57 -22.51 -7.53
N ASN A 245 -38.80 -22.33 -7.06
CA ASN A 245 -39.34 -21.02 -6.74
C ASN A 245 -39.17 -20.75 -5.25
N ILE A 246 -38.23 -19.87 -4.92
CA ILE A 246 -38.03 -19.41 -3.55
C ILE A 246 -38.70 -18.05 -3.39
N VAL A 247 -39.41 -17.87 -2.27
CA VAL A 247 -40.24 -16.69 -2.08
C VAL A 247 -39.90 -15.91 -0.82
N GLY A 248 -39.16 -16.49 0.13
CA GLY A 248 -38.82 -15.78 1.35
C GLY A 248 -37.86 -16.60 2.17
N LEU A 249 -37.50 -16.03 3.33
CA LEU A 249 -36.60 -16.68 4.28
C LEU A 249 -37.21 -16.57 5.67
N LEU A 250 -37.09 -17.64 6.46
CA LEU A 250 -37.68 -17.70 7.78
C LEU A 250 -36.59 -17.81 8.84
N ASN A 251 -36.74 -17.04 9.92
CA ASN A 251 -35.78 -17.00 11.01
C ASN A 251 -36.41 -17.58 12.27
N VAL A 252 -35.62 -18.35 13.02
CA VAL A 252 -36.14 -18.98 14.23
C VAL A 252 -36.36 -17.97 15.34
N LYS A 253 -35.51 -16.94 15.41
CA LYS A 253 -35.66 -15.93 16.45
C LYS A 253 -37.03 -15.26 16.39
N ASP A 254 -37.65 -15.25 15.22
CA ASP A 254 -39.00 -14.69 15.05
C ASP A 254 -40.08 -15.73 15.27
N VAL A 255 -39.84 -16.97 14.82
CA VAL A 255 -40.82 -18.03 15.03
C VAL A 255 -40.97 -18.34 16.52
N PHE A 256 -39.85 -18.33 17.26
CA PHE A 256 -39.93 -18.50 18.70
C PHE A 256 -40.73 -17.36 19.33
N SER A 257 -40.51 -16.14 18.87
CA SER A 257 -41.26 -14.97 19.34
C SER A 257 -42.40 -14.64 18.38
N ALA A 258 -43.28 -15.62 18.20
CA ALA A 258 -44.40 -15.49 17.28
C ALA A 258 -45.71 -15.38 18.07
N GLN A 259 -46.54 -14.42 17.68
CA GLN A 259 -47.85 -14.26 18.30
C GLN A 259 -48.66 -15.54 18.18
N THR A 260 -49.63 -15.70 19.09
CA THR A 260 -50.49 -16.88 19.05
C THR A 260 -51.14 -17.05 17.68
N SER A 261 -51.55 -15.94 17.06
CA SER A 261 -52.14 -15.95 15.73
C SER A 261 -51.08 -15.47 14.74
N ALA A 262 -50.25 -16.40 14.26
CA ALA A 262 -49.16 -16.09 13.35
C ALA A 262 -49.14 -17.10 12.22
N THR A 263 -48.29 -16.84 11.23
CA THR A 263 -48.17 -17.66 10.04
C THR A 263 -46.71 -17.71 9.63
N ILE A 264 -46.40 -18.54 8.64
CA ILE A 264 -45.05 -18.56 8.07
C ILE A 264 -44.89 -17.50 6.98
N ARG A 265 -45.96 -17.19 6.24
CA ARG A 265 -45.84 -16.23 5.15
C ARG A 265 -45.73 -14.80 5.67
N ASP A 266 -46.35 -14.51 6.81
CA ASP A 266 -46.24 -13.18 7.39
C ASP A 266 -44.96 -13.01 8.20
N LEU A 267 -44.33 -14.10 8.62
CA LEU A 267 -43.07 -14.04 9.35
C LEU A 267 -41.86 -14.02 8.42
N MET A 268 -41.96 -14.63 7.24
CA MET A 268 -40.86 -14.63 6.29
C MET A 268 -40.66 -13.24 5.70
N TYR A 269 -39.46 -12.99 5.18
CA TYR A 269 -39.10 -11.72 4.60
C TYR A 269 -38.51 -11.92 3.21
N GLU A 270 -38.68 -10.91 2.37
CA GLU A 270 -38.23 -11.02 0.98
C GLU A 270 -36.74 -11.31 0.94
N PRO A 271 -36.28 -12.27 0.14
CA PRO A 271 -34.85 -12.58 0.09
C PRO A 271 -34.13 -11.67 -0.89
N TYR A 272 -32.81 -11.83 -0.92
CA TYR A 272 -31.95 -11.11 -1.86
C TYR A 272 -31.42 -12.14 -2.86
N PHE A 273 -32.04 -12.20 -4.03
CA PHE A 273 -31.62 -13.12 -5.07
C PHE A 273 -30.36 -12.59 -5.76
N ILE A 274 -29.45 -13.51 -6.05
CA ILE A 274 -28.20 -13.16 -6.74
C ILE A 274 -27.87 -14.23 -7.75
N PRO A 275 -27.11 -13.88 -8.78
CA PRO A 275 -26.69 -14.88 -9.77
C PRO A 275 -25.57 -15.75 -9.22
N GLU A 276 -25.27 -16.83 -9.97
CA GLU A 276 -24.20 -17.73 -9.55
C GLU A 276 -22.83 -17.08 -9.70
N SER A 277 -22.66 -16.20 -10.68
CA SER A 277 -21.39 -15.51 -10.90
C SER A 277 -21.26 -14.27 -10.03
N LYS A 278 -22.11 -14.10 -9.02
CA LYS A 278 -22.06 -12.93 -8.17
C LYS A 278 -20.73 -12.89 -7.40
N LYS A 279 -20.11 -11.71 -7.41
CA LYS A 279 -18.88 -11.51 -6.63
C LYS A 279 -19.21 -11.41 -5.15
N ILE A 280 -18.49 -12.18 -4.34
CA ILE A 280 -18.79 -12.20 -2.90
C ILE A 280 -18.23 -11.00 -2.17
N ASP A 281 -17.22 -10.33 -2.74
CA ASP A 281 -16.74 -9.09 -2.12
C ASP A 281 -17.84 -8.04 -2.14
N GLU A 282 -18.65 -8.02 -3.21
CA GLU A 282 -19.82 -7.16 -3.23
C GLU A 282 -20.90 -7.71 -2.30
N LEU A 283 -21.21 -8.99 -2.43
CA LEU A 283 -22.25 -9.60 -1.61
C LEU A 283 -21.97 -9.42 -0.12
N LEU A 284 -20.70 -9.48 0.26
CA LEU A 284 -20.36 -9.33 1.67
C LEU A 284 -20.70 -7.93 2.17
N LYS A 285 -20.44 -6.91 1.35
CA LYS A 285 -20.82 -5.56 1.72
C LYS A 285 -22.32 -5.37 1.64
N GLU A 286 -22.95 -5.91 0.60
CA GLU A 286 -24.39 -5.74 0.43
C GLU A 286 -25.16 -6.46 1.52
N LEU A 287 -24.79 -7.72 1.82
CA LEU A 287 -25.42 -8.42 2.93
C LEU A 287 -25.21 -7.69 4.25
N GLN A 288 -24.01 -7.13 4.44
CA GLN A 288 -23.74 -6.38 5.66
C GLN A 288 -24.49 -5.06 5.72
N VAL A 289 -24.91 -4.53 4.57
CA VAL A 289 -25.63 -3.27 4.54
C VAL A 289 -27.14 -3.47 4.69
N LYS A 290 -27.68 -4.58 4.18
CA LYS A 290 -29.10 -4.89 4.34
C LYS A 290 -29.41 -5.56 5.66
N LYS A 291 -28.41 -5.77 6.52
CA LYS A 291 -28.58 -6.41 7.82
C LYS A 291 -29.01 -7.86 7.71
N GLN A 292 -28.88 -8.46 6.52
CA GLN A 292 -29.25 -9.85 6.30
C GLN A 292 -28.01 -10.73 6.28
N HIS A 293 -28.18 -11.98 6.71
CA HIS A 293 -27.08 -12.93 6.81
C HIS A 293 -27.06 -13.96 5.68
N MET A 294 -28.10 -14.02 4.85
CA MET A 294 -28.17 -15.03 3.80
C MET A 294 -28.73 -14.43 2.53
N ALA A 295 -28.17 -14.83 1.40
CA ALA A 295 -28.67 -14.52 0.07
C ALA A 295 -29.20 -15.81 -0.57
N VAL A 296 -29.74 -15.68 -1.76
CA VAL A 296 -30.24 -16.81 -2.53
C VAL A 296 -29.63 -16.76 -3.92
N VAL A 297 -28.96 -17.82 -4.31
CA VAL A 297 -28.30 -17.91 -5.61
C VAL A 297 -29.27 -18.53 -6.60
N LEU A 298 -29.36 -17.92 -7.79
CA LEU A 298 -30.21 -18.42 -8.87
C LEU A 298 -29.35 -18.65 -10.10
N ASP A 299 -29.50 -19.81 -10.72
CA ASP A 299 -28.79 -20.10 -11.95
C ASP A 299 -29.34 -19.24 -13.09
N GLU A 300 -28.76 -19.41 -14.28
CA GLU A 300 -29.09 -18.55 -15.41
C GLU A 300 -30.60 -18.46 -15.63
N TYR A 301 -31.33 -19.54 -15.37
CA TYR A 301 -32.77 -19.59 -15.63
C TYR A 301 -33.60 -19.09 -14.44
N GLY A 302 -32.97 -18.41 -13.48
CA GLY A 302 -33.71 -17.85 -12.36
C GLY A 302 -34.34 -18.88 -11.46
N SER A 303 -33.73 -20.05 -11.32
CA SER A 303 -34.22 -21.10 -10.44
C SER A 303 -33.23 -21.31 -9.31
N PHE A 304 -33.74 -21.74 -8.16
CA PHE A 304 -32.93 -21.89 -6.96
C PHE A 304 -31.75 -22.83 -7.22
N ALA A 305 -30.53 -22.31 -7.04
CA ALA A 305 -29.32 -23.10 -7.21
C ALA A 305 -28.51 -23.23 -5.92
N GLY A 306 -28.79 -22.43 -4.91
CA GLY A 306 -28.05 -22.49 -3.67
C GLY A 306 -28.15 -21.19 -2.91
N ILE A 307 -27.42 -21.14 -1.79
CA ILE A 307 -27.43 -20.00 -0.90
C ILE A 307 -26.00 -19.67 -0.50
N VAL A 308 -25.78 -18.40 -0.14
CA VAL A 308 -24.50 -17.92 0.35
C VAL A 308 -24.78 -17.08 1.59
N THR A 309 -24.25 -17.51 2.73
CA THR A 309 -24.38 -16.77 3.97
C THR A 309 -23.10 -15.98 4.24
N VAL A 310 -23.19 -15.05 5.19
CA VAL A 310 -22.01 -14.29 5.60
C VAL A 310 -20.90 -15.23 6.05
N GLU A 311 -21.26 -16.27 6.79
CA GLU A 311 -20.25 -17.21 7.28
C GLU A 311 -19.59 -17.95 6.13
N ASP A 312 -20.36 -18.28 5.09
CA ASP A 312 -19.78 -18.95 3.94
C ASP A 312 -18.66 -18.12 3.33
N MET A 313 -18.83 -16.80 3.28
CA MET A 313 -17.83 -15.93 2.68
C MET A 313 -16.65 -15.67 3.62
N LEU A 314 -16.90 -15.62 4.93
CA LEU A 314 -15.80 -15.42 5.87
C LEU A 314 -14.83 -16.60 5.87
N GLU A 315 -15.33 -17.82 5.65
CA GLU A 315 -14.43 -18.97 5.56
C GLU A 315 -13.51 -18.83 4.35
N GLU A 316 -14.07 -18.47 3.20
CA GLU A 316 -13.25 -18.27 2.02
C GLU A 316 -12.25 -17.14 2.24
N LEU A 317 -12.65 -16.09 2.95
CA LEU A 317 -11.76 -14.96 3.19
C LEU A 317 -10.60 -15.36 4.09
N VAL A 318 -10.89 -16.09 5.17
CA VAL A 318 -9.92 -16.32 6.24
C VAL A 318 -9.18 -17.63 6.04
N LEU A 319 -9.88 -18.74 6.22
CA LEU A 319 -9.22 -20.04 6.27
C LEU A 319 -8.49 -20.36 4.97
N GLU A 320 -8.99 -19.87 3.83
CA GLU A 320 -8.35 -20.08 2.54
C GLU A 320 -7.81 -18.75 2.03
N HIS A 321 -6.71 -18.31 2.64
CA HIS A 321 -6.06 -17.06 2.30
C HIS A 321 -4.70 -17.34 1.66
N HIS A 322 -4.33 -16.48 0.71
CA HIS A 322 -3.11 -16.66 -0.06
C HIS A 322 -1.96 -15.85 0.52
N HIS A 323 -0.76 -16.12 -0.02
CA HIS A 323 0.45 -15.40 0.36
C HIS A 323 1.62 -15.96 -0.45
N HIS A 324 2.42 -15.09 -1.04
CA HIS A 324 3.51 -15.53 -1.91
C HIS A 324 4.52 -14.40 -2.03
N HIS A 325 5.64 -14.71 -2.69
CA HIS A 325 6.72 -13.75 -2.88
C HIS A 325 7.06 -13.61 -4.36
N ILE B 4 45.99 7.23 -29.48
CA ILE B 4 45.75 5.81 -29.28
C ILE B 4 46.35 5.35 -27.96
N ASP B 5 47.56 5.83 -27.66
CA ASP B 5 48.24 5.46 -26.43
C ASP B 5 47.38 5.82 -25.22
N LEU B 6 47.12 7.11 -25.03
CA LEU B 6 46.34 7.56 -23.89
C LEU B 6 44.86 7.20 -24.03
N LEU B 7 44.38 7.02 -25.26
CA LEU B 7 42.96 6.70 -25.45
C LEU B 7 42.59 5.41 -24.73
N ILE B 8 43.46 4.40 -24.76
CA ILE B 8 43.17 3.14 -24.08
C ILE B 8 42.99 3.38 -22.58
N VAL B 9 43.83 4.23 -22.00
CA VAL B 9 43.73 4.54 -20.58
C VAL B 9 42.54 5.42 -20.25
N GLU B 10 41.92 6.05 -21.26
CA GLU B 10 40.78 6.92 -21.02
C GLU B 10 39.45 6.18 -21.06
N VAL B 11 39.34 5.12 -21.87
CA VAL B 11 38.09 4.38 -21.94
C VAL B 11 37.85 3.52 -20.71
N VAL B 12 38.89 3.28 -19.89
CA VAL B 12 38.69 2.55 -18.66
C VAL B 12 38.18 3.47 -17.56
N LEU B 13 38.78 4.65 -17.42
CA LEU B 13 38.25 5.64 -16.48
C LEU B 13 36.81 6.00 -16.83
N PHE B 14 36.48 6.03 -18.12
CA PHE B 14 35.10 6.25 -18.54
C PHE B 14 34.20 5.15 -18.00
N ILE B 15 34.59 3.89 -18.19
CA ILE B 15 33.78 2.77 -17.71
C ILE B 15 33.76 2.74 -16.19
N ALA B 16 34.93 2.90 -15.56
CA ALA B 16 34.99 2.86 -14.10
C ALA B 16 34.14 3.96 -13.48
N ALA B 17 34.22 5.18 -14.02
CA ALA B 17 33.39 6.26 -13.51
C ALA B 17 31.91 5.94 -13.69
N LEU B 18 31.55 5.29 -14.79
CA LEU B 18 30.16 4.92 -15.02
C LEU B 18 29.67 3.96 -13.94
N LEU B 19 30.52 3.01 -13.55
CA LEU B 19 30.15 2.08 -12.48
C LEU B 19 29.99 2.79 -11.16
N PHE B 20 30.90 3.72 -10.84
CA PHE B 20 30.77 4.50 -9.62
C PHE B 20 29.46 5.28 -9.61
N SER B 21 29.17 6.01 -10.68
CA SER B 21 27.90 6.74 -10.76
C SER B 21 26.72 5.80 -10.57
N GLY B 22 26.79 4.61 -11.17
CA GLY B 22 25.73 3.63 -10.96
C GLY B 22 25.72 3.10 -9.54
N PHE B 23 26.90 2.92 -8.95
CA PHE B 23 26.96 2.42 -7.58
C PHE B 23 26.39 3.42 -6.59
N PHE B 24 26.68 4.71 -6.78
CA PHE B 24 26.14 5.71 -5.88
C PHE B 24 24.65 5.91 -6.12
N SER B 25 24.21 5.87 -7.38
CA SER B 25 22.80 6.06 -7.68
C SER B 25 21.96 4.88 -7.17
N SER B 26 22.44 3.66 -7.37
CA SER B 26 21.70 2.49 -6.89
C SER B 26 21.78 2.35 -5.38
N SER B 27 22.89 2.76 -4.77
CA SER B 27 22.99 2.71 -3.32
C SER B 27 22.02 3.66 -2.65
N GLU B 28 21.74 4.81 -3.27
CA GLU B 28 20.84 5.78 -2.67
C GLU B 28 19.43 5.22 -2.54
N VAL B 29 19.00 4.44 -3.53
CA VAL B 29 17.62 3.95 -3.53
C VAL B 29 17.42 2.93 -2.42
N ALA B 30 18.37 1.99 -2.28
CA ALA B 30 18.21 0.92 -1.31
C ALA B 30 18.35 1.45 0.12
N LEU B 31 19.25 2.40 0.33
CA LEU B 31 19.56 2.84 1.70
C LEU B 31 18.42 3.65 2.29
N ILE B 32 17.83 4.57 1.52
CA ILE B 32 16.83 5.50 2.06
C ILE B 32 15.45 4.85 2.06
N SER B 33 15.36 3.58 1.71
CA SER B 33 14.07 2.91 1.58
C SER B 33 13.74 1.98 2.75
N ILE B 34 14.74 1.51 3.48
CA ILE B 34 14.49 0.58 4.59
C ILE B 34 13.99 1.37 5.79
N THR B 35 12.84 0.96 6.33
CA THR B 35 12.25 1.67 7.45
C THR B 35 13.16 1.55 8.67
N ARG B 36 13.48 2.71 9.28
CA ARG B 36 14.31 2.71 10.48
C ARG B 36 13.81 1.69 11.49
N ALA B 37 12.49 1.47 11.54
CA ALA B 37 11.96 0.42 12.39
C ALA B 37 12.47 -0.95 11.96
N LYS B 38 12.71 -1.14 10.66
CA LYS B 38 13.23 -2.40 10.17
C LYS B 38 14.75 -2.47 10.22
N VAL B 39 15.43 -1.33 10.15
CA VAL B 39 16.88 -1.32 10.31
C VAL B 39 17.26 -1.75 11.71
N HIS B 40 16.61 -1.17 12.72
CA HIS B 40 16.87 -1.56 14.09
C HIS B 40 16.45 -3.00 14.36
N ALA B 41 15.60 -3.58 13.50
CA ALA B 41 15.27 -4.99 13.62
C ALA B 41 16.40 -5.86 13.09
N LEU B 42 16.98 -5.50 11.94
CA LEU B 42 18.10 -6.26 11.41
C LEU B 42 19.33 -6.12 12.30
N GLN B 43 19.52 -4.94 12.92
CA GLN B 43 20.68 -4.74 13.78
C GLN B 43 20.62 -5.65 15.00
N SER B 44 19.48 -5.65 15.69
CA SER B 44 19.34 -6.55 16.84
C SER B 44 19.60 -7.99 16.44
N GLN B 45 19.10 -8.41 15.27
CA GLN B 45 19.44 -9.72 14.74
C GLN B 45 20.93 -9.85 14.43
N GLY B 46 21.63 -8.73 14.27
CA GLY B 46 23.06 -8.75 14.06
C GLY B 46 23.50 -9.08 12.65
N ARG B 47 22.64 -8.89 11.66
CA ARG B 47 22.97 -9.28 10.30
C ARG B 47 24.10 -8.43 9.74
N LYS B 48 24.92 -9.05 8.90
CA LYS B 48 26.09 -8.40 8.32
C LYS B 48 25.68 -7.20 7.48
N GLY B 49 25.87 -5.99 8.02
CA GLY B 49 25.55 -4.76 7.32
C GLY B 49 24.57 -3.87 8.06
N ALA B 50 23.82 -4.40 9.02
CA ALA B 50 22.81 -3.60 9.70
C ALA B 50 23.44 -2.51 10.57
N LYS B 51 24.51 -2.85 11.29
CA LYS B 51 25.16 -1.86 12.15
C LYS B 51 25.59 -0.64 11.34
N ALA B 52 26.37 -0.86 10.27
CA ALA B 52 26.78 0.23 9.41
C ALA B 52 25.59 0.89 8.72
N LEU B 53 24.46 0.21 8.64
CA LEU B 53 23.27 0.79 8.03
C LEU B 53 22.52 1.68 9.02
N ASP B 54 22.39 1.25 10.27
CA ASP B 54 21.79 2.10 11.29
C ASP B 54 22.58 3.38 11.47
N THR B 55 23.91 3.30 11.30
CA THR B 55 24.74 4.50 11.37
C THR B 55 24.30 5.53 10.33
N LEU B 56 24.16 5.09 9.08
CA LEU B 56 23.75 6.01 8.01
C LEU B 56 22.36 6.57 8.27
N LYS B 57 21.46 5.75 8.82
CA LYS B 57 20.12 6.23 9.14
C LYS B 57 20.12 7.26 10.26
N ARG B 58 21.19 7.31 11.07
CA ARG B 58 21.27 8.31 12.12
C ARG B 58 21.23 9.72 11.54
N SER B 59 21.63 9.90 10.29
CA SER B 59 21.63 11.21 9.64
C SER B 59 21.34 10.98 8.16
N THR B 60 20.04 10.95 7.81
CA THR B 60 19.66 10.72 6.42
C THR B 60 20.27 11.75 5.48
N ASP B 61 20.59 12.95 6.00
CA ASP B 61 21.26 13.95 5.18
C ASP B 61 22.62 13.46 4.70
N ALA B 62 23.25 12.55 5.43
CA ALA B 62 24.54 12.02 5.01
C ALA B 62 24.40 11.05 3.85
N ILE B 63 23.25 10.37 3.73
CA ILE B 63 23.07 9.41 2.66
C ILE B 63 22.79 10.11 1.35
N GLN B 64 22.15 11.28 1.39
CA GLN B 64 21.81 11.98 0.16
C GLN B 64 22.99 12.77 -0.38
N ILE B 65 23.79 13.36 0.50
CA ILE B 65 24.94 14.14 0.05
C ILE B 65 26.01 13.21 -0.52
N THR B 66 26.33 12.14 0.21
CA THR B 66 27.33 11.19 -0.26
C THR B 66 26.99 10.71 -1.67
N THR B 67 25.80 10.15 -1.84
CA THR B 67 25.41 9.61 -3.14
C THR B 67 25.30 10.71 -4.19
N LEU B 68 24.91 11.92 -3.78
CA LEU B 68 24.85 13.03 -4.74
C LEU B 68 26.24 13.40 -5.23
N ILE B 69 27.19 13.52 -4.31
CA ILE B 69 28.53 13.99 -4.68
C ILE B 69 29.29 12.89 -5.40
N GLY B 70 29.30 11.68 -4.84
CA GLY B 70 29.97 10.59 -5.51
C GLY B 70 29.46 10.36 -6.92
N SER B 71 28.14 10.47 -7.10
CA SER B 71 27.57 10.28 -8.43
C SER B 71 27.86 11.47 -9.33
N THR B 72 27.66 12.69 -8.81
CA THR B 72 27.89 13.88 -9.63
C THR B 72 29.34 13.93 -10.10
N ILE B 73 30.29 13.76 -9.18
CA ILE B 73 31.69 13.70 -9.58
C ILE B 73 31.88 12.68 -10.69
N ALA B 74 31.37 11.47 -10.48
CA ALA B 74 31.50 10.43 -11.50
C ALA B 74 30.84 10.86 -12.80
N ASN B 75 29.55 11.22 -12.74
CA ASN B 75 28.85 11.67 -13.94
C ASN B 75 29.64 12.73 -14.70
N VAL B 76 30.19 13.71 -13.97
CA VAL B 76 30.95 14.77 -14.63
C VAL B 76 32.18 14.18 -15.31
N ALA B 77 32.87 13.25 -14.63
CA ALA B 77 34.03 12.61 -15.23
C ALA B 77 33.63 11.67 -16.35
N VAL B 78 32.42 11.08 -16.27
CA VAL B 78 31.98 10.16 -17.31
C VAL B 78 31.90 10.87 -18.66
N ALA B 79 31.52 12.15 -18.65
CA ALA B 79 31.39 12.91 -19.88
C ALA B 79 32.61 13.77 -20.18
N SER B 80 33.26 14.32 -19.16
CA SER B 80 34.48 15.10 -19.40
C SER B 80 35.51 14.27 -20.16
N LEU B 81 35.48 12.95 -20.01
CA LEU B 81 36.34 12.07 -20.79
C LEU B 81 35.69 11.64 -22.10
N ALA B 82 34.37 11.46 -22.11
CA ALA B 82 33.69 11.06 -23.34
C ALA B 82 33.89 12.10 -24.45
N THR B 83 33.93 13.38 -24.08
CA THR B 83 34.23 14.40 -25.08
C THR B 83 35.72 14.47 -25.37
N ALA B 84 36.56 14.30 -24.35
CA ALA B 84 38.00 14.22 -24.57
C ALA B 84 38.32 13.11 -25.57
N ILE B 85 37.75 11.92 -25.37
CA ILE B 85 37.93 10.84 -26.32
C ILE B 85 37.29 11.19 -27.66
N GLY B 86 36.11 11.79 -27.63
CA GLY B 86 35.41 12.09 -28.87
C GLY B 86 36.20 13.04 -29.76
N ILE B 87 36.74 14.11 -29.18
CA ILE B 87 37.43 15.11 -30.00
C ILE B 87 38.69 14.52 -30.61
N THR B 88 39.45 13.74 -29.84
CA THR B 88 40.64 13.10 -30.38
C THR B 88 40.31 12.10 -31.48
N LEU B 89 39.06 11.65 -31.56
CA LEU B 89 38.63 10.76 -32.63
C LEU B 89 37.89 11.49 -33.74
N TYR B 90 37.21 12.59 -33.43
CA TYR B 90 36.38 13.29 -34.40
C TYR B 90 36.62 14.80 -34.35
N GLY B 91 37.84 15.20 -34.02
CA GLY B 91 38.20 16.62 -34.10
C GLY B 91 37.32 17.46 -33.20
N ASN B 92 36.73 18.50 -33.78
CA ASN B 92 35.82 19.38 -33.06
C ASN B 92 34.38 18.88 -33.06
N LEU B 93 34.05 17.91 -33.90
CA LEU B 93 32.75 17.26 -33.84
C LEU B 93 32.62 16.28 -32.68
N GLY B 94 33.71 16.05 -31.94
CA GLY B 94 33.66 15.12 -30.84
C GLY B 94 33.05 15.69 -29.57
N ILE B 95 33.13 17.01 -29.39
CA ILE B 95 32.50 17.63 -28.23
C ILE B 95 31.01 17.35 -28.23
N ALA B 96 30.42 17.19 -29.42
CA ALA B 96 29.01 16.85 -29.54
C ALA B 96 28.81 15.33 -29.53
N VAL B 97 29.46 14.63 -30.46
CA VAL B 97 29.37 13.17 -30.49
C VAL B 97 29.68 12.61 -29.11
N GLY B 98 30.85 12.96 -28.57
CA GLY B 98 31.18 12.52 -27.22
C GLY B 98 30.15 12.95 -26.19
N LEU B 99 29.50 14.09 -26.41
CA LEU B 99 28.48 14.55 -25.49
C LEU B 99 27.22 13.70 -25.58
N VAL B 100 26.76 13.42 -26.81
CA VAL B 100 25.52 12.68 -26.98
C VAL B 100 25.69 11.23 -26.52
N VAL B 101 26.83 10.61 -26.86
CA VAL B 101 27.08 9.24 -26.42
C VAL B 101 27.38 9.15 -24.93
N ALA B 102 27.61 10.28 -24.27
CA ALA B 102 27.81 10.31 -22.83
C ALA B 102 26.49 10.51 -22.09
N ALA B 103 25.69 11.49 -22.52
CA ALA B 103 24.42 11.74 -21.87
C ALA B 103 23.48 10.54 -22.00
N VAL B 104 23.61 9.76 -23.07
CA VAL B 104 22.75 8.60 -23.26
C VAL B 104 23.19 7.39 -22.44
N LEU B 105 24.39 7.43 -21.86
CA LEU B 105 24.83 6.37 -20.96
C LEU B 105 24.76 6.77 -19.49
N VAL B 106 25.00 8.04 -19.16
CA VAL B 106 24.76 8.51 -17.80
C VAL B 106 23.30 8.36 -17.45
N LEU B 107 22.41 8.40 -18.44
CA LEU B 107 20.98 8.24 -18.17
C LEU B 107 20.60 6.78 -17.97
N VAL B 108 21.21 5.88 -18.75
CA VAL B 108 20.77 4.49 -18.76
C VAL B 108 21.48 3.65 -17.70
N PHE B 109 22.79 3.84 -17.53
CA PHE B 109 23.57 2.98 -16.66
C PHE B 109 24.07 3.68 -15.40
N GLY B 110 23.91 4.99 -15.28
CA GLY B 110 24.42 5.72 -14.13
C GLY B 110 23.35 6.43 -13.33
N GLU B 111 22.10 6.39 -13.82
CA GLU B 111 21.00 7.08 -13.14
C GLU B 111 19.74 6.23 -13.12
N ILE B 112 19.15 5.98 -14.28
CA ILE B 112 17.84 5.32 -14.32
C ILE B 112 17.97 3.82 -14.11
N GLY B 113 18.90 3.19 -14.82
CA GLY B 113 19.10 1.76 -14.68
C GLY B 113 19.41 1.37 -13.24
N PRO B 114 20.47 1.95 -12.68
CA PRO B 114 20.82 1.64 -11.29
C PRO B 114 19.67 1.86 -10.31
N LYS B 115 18.84 2.88 -10.54
CA LYS B 115 17.70 3.12 -9.65
C LYS B 115 16.62 2.06 -9.85
N MET B 116 16.41 1.62 -11.08
CA MET B 116 15.40 0.60 -11.35
C MET B 116 15.80 -0.74 -10.74
N TYR B 117 17.08 -1.10 -10.85
CA TYR B 117 17.54 -2.37 -10.32
C TYR B 117 17.44 -2.40 -8.80
N ALA B 118 17.83 -1.30 -8.15
CA ALA B 118 17.87 -1.27 -6.69
C ALA B 118 16.49 -1.38 -6.07
N SER B 119 15.42 -1.12 -6.83
CA SER B 119 14.08 -1.19 -6.27
C SER B 119 13.62 -2.64 -6.11
N ARG B 120 13.97 -3.51 -7.05
CA ARG B 120 13.62 -4.93 -6.91
C ARG B 120 14.34 -5.55 -5.72
N TYR B 121 15.63 -5.24 -5.55
CA TYR B 121 16.46 -5.79 -4.48
C TYR B 121 16.91 -4.63 -3.60
N THR B 122 16.04 -4.24 -2.65
CA THR B 122 16.25 -3.06 -1.83
C THR B 122 16.82 -3.38 -0.45
N GLU B 123 16.38 -4.47 0.18
CA GLU B 123 16.94 -4.87 1.46
C GLU B 123 18.27 -5.59 1.28
N GLU B 124 18.39 -6.42 0.24
CA GLU B 124 19.61 -7.18 0.03
C GLU B 124 20.76 -6.27 -0.40
N LEU B 125 20.45 -5.24 -1.19
CA LEU B 125 21.48 -4.33 -1.68
C LEU B 125 21.85 -3.28 -0.64
N ALA B 126 20.87 -2.83 0.16
CA ALA B 126 21.16 -1.83 1.19
C ALA B 126 22.17 -2.37 2.19
N LEU B 127 22.08 -3.65 2.53
CA LEU B 127 23.03 -4.24 3.47
C LEU B 127 24.41 -4.44 2.86
N ARG B 128 24.52 -4.46 1.53
CA ARG B 128 25.80 -4.65 0.87
C ARG B 128 26.57 -3.34 0.70
N VAL B 129 25.88 -2.25 0.37
CA VAL B 129 26.53 -0.98 0.10
C VAL B 129 26.54 -0.11 1.36
N SER B 130 26.20 -0.71 2.51
CA SER B 130 26.30 0.02 3.77
C SER B 130 27.75 0.33 4.10
N ARG B 131 28.66 -0.61 3.84
CA ARG B 131 30.06 -0.39 4.20
C ARG B 131 30.70 0.67 3.31
N PRO B 132 30.66 0.57 1.98
CA PRO B 132 31.34 1.58 1.15
C PRO B 132 30.72 2.97 1.25
N ILE B 133 29.39 3.06 1.30
CA ILE B 133 28.75 4.37 1.37
C ILE B 133 29.09 5.07 2.69
N LEU B 134 29.04 4.33 3.80
CA LEU B 134 29.47 4.90 5.07
C LEU B 134 30.94 5.30 5.01
N PHE B 135 31.75 4.56 4.23
CA PHE B 135 33.15 4.92 4.07
C PHE B 135 33.31 6.23 3.32
N PHE B 136 32.66 6.34 2.16
CA PHE B 136 32.75 7.56 1.37
C PHE B 136 32.23 8.76 2.16
N SER B 137 31.19 8.56 2.97
CA SER B 137 30.67 9.66 3.77
C SER B 137 31.75 10.25 4.68
N LYS B 138 32.59 9.38 5.25
CA LYS B 138 33.69 9.87 6.08
C LYS B 138 34.66 10.72 5.26
N LEU B 139 35.00 10.27 4.05
CA LEU B 139 35.87 11.05 3.18
C LEU B 139 35.27 12.43 2.91
N LEU B 140 33.95 12.50 2.77
CA LEU B 140 33.26 13.75 2.51
C LEU B 140 32.80 14.44 3.79
N TYR B 141 33.37 14.07 4.94
CA TYR B 141 33.09 14.80 6.17
C TYR B 141 33.33 16.31 6.03
N PRO B 142 34.36 16.77 5.31
CA PRO B 142 34.47 18.21 5.05
C PRO B 142 33.23 18.76 4.37
N VAL B 143 32.86 18.19 3.22
CA VAL B 143 31.70 18.70 2.50
C VAL B 143 30.42 18.47 3.27
N LEU B 144 30.36 17.41 4.09
CA LEU B 144 29.18 17.20 4.91
C LEU B 144 29.03 18.30 5.96
N TRP B 145 30.11 18.55 6.71
CA TRP B 145 30.07 19.63 7.71
C TRP B 145 29.74 20.96 7.06
N VAL B 146 30.17 21.17 5.82
CA VAL B 146 29.86 22.41 5.11
C VAL B 146 28.36 22.52 4.86
N THR B 147 27.72 21.42 4.48
CA THR B 147 26.28 21.43 4.23
C THR B 147 25.47 21.18 5.49
N ASP B 148 26.05 20.52 6.49
CA ASP B 148 25.35 20.31 7.76
C ASP B 148 25.47 21.50 8.69
N ARG B 149 26.51 22.34 8.52
CA ARG B 149 26.64 23.54 9.33
C ARG B 149 25.66 24.62 8.90
N ILE B 150 25.40 24.73 7.59
CA ILE B 150 24.44 25.70 7.10
C ILE B 150 23.04 25.39 7.60
N GLU B 151 22.81 24.17 8.11
CA GLU B 151 21.53 23.85 8.73
C GLU B 151 21.18 24.83 9.84
N GLN B 152 22.17 25.54 10.40
CA GLN B 152 21.93 26.60 11.36
C GLN B 152 21.52 27.91 10.70
N GLN B 153 21.25 27.90 9.40
CA GLN B 153 20.79 29.07 8.67
C GLN B 153 19.53 28.74 7.87
N PHE B 154 18.65 27.94 8.46
CA PHE B 154 17.38 27.58 7.83
C PHE B 154 17.61 26.71 6.59
N VAL B 160 13.49 15.71 3.12
CA VAL B 160 13.90 14.30 3.18
C VAL B 160 13.22 13.53 2.06
N THR B 161 13.98 12.69 1.37
CA THR B 161 13.45 11.89 0.29
C THR B 161 12.76 10.65 0.85
N GLU B 162 11.77 10.15 0.11
CA GLU B 162 10.92 9.07 0.55
C GLU B 162 11.18 7.80 -0.25
N PRO B 163 10.73 6.64 0.25
CA PRO B 163 11.08 5.37 -0.41
C PRO B 163 10.42 5.24 -1.77
N VAL B 164 10.97 4.30 -2.56
CA VAL B 164 10.46 4.08 -3.91
C VAL B 164 8.99 3.71 -3.89
N VAL B 165 8.58 2.90 -2.90
CA VAL B 165 7.21 2.44 -2.78
C VAL B 165 6.72 2.82 -1.39
N THR B 166 5.83 3.79 -1.33
CA THR B 166 5.19 4.21 -0.10
C THR B 166 3.83 3.56 0.03
N GLU B 167 3.43 3.30 1.28
CA GLU B 167 2.11 2.73 1.51
C GLU B 167 1.02 3.54 0.82
N GLU B 168 1.24 4.85 0.66
CA GLU B 168 0.30 5.67 -0.10
C GLU B 168 0.38 5.34 -1.59
N GLU B 169 1.59 5.19 -2.12
CA GLU B 169 1.75 4.84 -3.53
C GLU B 169 1.03 3.53 -3.84
N ILE B 170 1.07 2.58 -2.91
CA ILE B 170 0.31 1.34 -3.08
C ILE B 170 -1.18 1.62 -3.04
N LYS B 171 -1.63 2.35 -2.02
CA LYS B 171 -3.05 2.71 -1.94
C LYS B 171 -3.52 3.37 -3.23
N GLU B 172 -2.65 4.15 -3.85
CA GLU B 172 -3.05 4.86 -5.07
C GLU B 172 -3.19 3.90 -6.25
N TRP B 173 -2.31 2.89 -6.34
CA TRP B 173 -2.44 1.91 -7.39
C TRP B 173 -3.72 1.10 -7.25
N ILE B 174 -4.22 0.95 -6.02
CA ILE B 174 -5.48 0.24 -5.81
C ILE B 174 -6.64 1.10 -6.27
N ASP B 175 -6.62 2.39 -5.93
CA ASP B 175 -7.63 3.30 -6.45
C ASP B 175 -7.69 3.25 -7.98
N VAL B 176 -6.53 3.14 -8.62
CA VAL B 176 -6.50 2.90 -10.07
C VAL B 176 -7.26 1.64 -10.39
N GLY B 177 -7.15 0.62 -9.53
CA GLY B 177 -7.90 -0.60 -9.75
C GLY B 177 -9.40 -0.36 -9.76
N GLU B 178 -9.92 0.28 -8.71
CA GLU B 178 -11.34 0.61 -8.70
C GLU B 178 -11.72 1.40 -9.94
N GLU B 179 -10.86 2.33 -10.36
CA GLU B 179 -11.16 3.14 -11.54
C GLU B 179 -11.21 2.31 -12.81
N GLU B 180 -10.37 1.28 -12.91
CA GLU B 180 -10.29 0.46 -14.12
C GLU B 180 -11.12 -0.81 -14.03
N GLY B 181 -11.81 -1.04 -12.91
CA GLY B 181 -12.65 -2.21 -12.76
C GLY B 181 -11.92 -3.48 -12.36
N THR B 182 -10.61 -3.57 -12.57
CA THR B 182 -9.87 -4.75 -12.15
C THR B 182 -10.11 -5.08 -10.69
N ILE B 183 -10.47 -4.06 -9.89
CA ILE B 183 -10.70 -4.22 -8.46
C ILE B 183 -12.08 -3.64 -8.14
N GLU B 184 -12.93 -4.43 -7.51
CA GLU B 184 -14.26 -3.96 -7.15
C GLU B 184 -14.15 -2.79 -6.18
N GLU B 185 -15.07 -1.82 -6.33
CA GLU B 185 -15.10 -0.68 -5.43
C GLU B 185 -15.32 -1.11 -3.98
N GLU B 186 -15.77 -2.33 -3.75
CA GLU B 186 -15.99 -2.81 -2.40
C GLU B 186 -14.72 -3.36 -1.76
N GLU B 187 -13.82 -3.95 -2.55
CA GLU B 187 -12.59 -4.49 -1.98
C GLU B 187 -11.46 -3.47 -1.96
N ARG B 188 -11.58 -2.36 -2.69
CA ARG B 188 -10.68 -1.24 -2.46
C ARG B 188 -10.83 -0.74 -1.03
N ASP B 189 -12.07 -0.56 -0.59
CA ASP B 189 -12.32 -0.18 0.79
C ASP B 189 -11.78 -1.23 1.76
N MET B 190 -11.93 -2.51 1.40
CA MET B 190 -11.41 -3.57 2.26
C MET B 190 -9.88 -3.58 2.25
N LEU B 191 -9.27 -3.45 1.08
CA LEU B 191 -7.82 -3.33 1.00
C LEU B 191 -7.33 -2.14 1.81
N TYR B 192 -8.08 -1.02 1.77
CA TYR B 192 -7.74 0.12 2.61
C TYR B 192 -7.88 -0.22 4.08
N SER B 193 -8.91 -0.99 4.44
CA SER B 193 -9.14 -1.31 5.84
C SER B 193 -8.02 -2.18 6.40
N VAL B 194 -7.62 -3.21 5.66
CA VAL B 194 -6.57 -4.11 6.12
C VAL B 194 -5.35 -3.32 6.59
N LEU B 195 -4.97 -2.28 5.83
CA LEU B 195 -3.80 -1.51 6.19
C LEU B 195 -3.97 -0.77 7.52
N ARG B 196 -5.19 -0.36 7.83
CA ARG B 196 -5.51 0.30 9.10
C ARG B 196 -6.24 -0.65 10.05
N PHE B 197 -5.87 -1.93 10.03
CA PHE B 197 -6.59 -2.97 10.76
C PHE B 197 -5.71 -3.96 11.49
N GLY B 198 -4.41 -4.02 11.21
CA GLY B 198 -3.52 -4.95 11.87
C GLY B 198 -3.10 -4.51 13.26
N ASP B 199 -2.89 -3.21 13.45
CA ASP B 199 -2.47 -2.67 14.74
C ASP B 199 -3.64 -2.34 15.65
N THR B 200 -4.84 -2.83 15.34
CA THR B 200 -6.02 -2.56 16.15
C THR B 200 -6.19 -3.65 17.20
N THR B 201 -6.51 -3.24 18.42
CA THR B 201 -6.70 -4.17 19.54
C THR B 201 -8.18 -4.33 19.85
N ALA B 202 -8.52 -5.49 20.42
CA ALA B 202 -9.93 -5.80 20.69
C ALA B 202 -10.56 -4.80 21.64
N ARG B 203 -9.79 -4.24 22.57
CA ARG B 203 -10.35 -3.27 23.50
C ARG B 203 -10.90 -2.06 22.78
N GLU B 204 -10.33 -1.71 21.63
CA GLU B 204 -10.78 -0.54 20.88
C GLU B 204 -12.16 -0.74 20.27
N VAL B 205 -12.65 -1.98 20.17
CA VAL B 205 -13.93 -2.27 19.54
C VAL B 205 -14.84 -3.12 20.41
N MET B 206 -14.41 -3.52 21.60
CA MET B 206 -15.25 -4.36 22.43
C MET B 206 -16.47 -3.58 22.93
N THR B 207 -17.49 -4.32 23.35
CA THR B 207 -18.65 -3.73 24.00
C THR B 207 -18.36 -3.59 25.49
N PRO B 208 -18.25 -2.38 26.03
CA PRO B 208 -17.97 -2.25 27.46
C PRO B 208 -18.98 -3.02 28.30
N ARG B 209 -18.47 -3.71 29.33
CA ARG B 209 -19.31 -4.50 30.21
C ARG B 209 -20.55 -3.73 30.66
N VAL B 210 -20.43 -2.40 30.79
CA VAL B 210 -21.56 -1.60 31.25
C VAL B 210 -22.77 -1.81 30.35
N ASP B 211 -22.55 -1.78 29.03
CA ASP B 211 -23.63 -1.92 28.07
C ASP B 211 -23.95 -3.38 27.75
N VAL B 212 -23.23 -4.33 28.34
CA VAL B 212 -23.46 -5.74 28.04
C VAL B 212 -24.68 -6.23 28.80
N VAL B 213 -25.47 -7.08 28.16
CA VAL B 213 -26.60 -7.75 28.79
C VAL B 213 -26.23 -9.21 28.97
N MET B 214 -26.19 -9.66 30.23
CA MET B 214 -25.80 -11.03 30.55
C MET B 214 -26.82 -11.65 31.49
N ILE B 215 -26.52 -12.83 32.02
CA ILE B 215 -27.44 -13.54 32.89
C ILE B 215 -26.64 -14.38 33.88
N GLU B 216 -27.16 -14.50 35.09
CA GLU B 216 -26.51 -15.29 36.13
C GLU B 216 -26.81 -16.77 35.93
N ASP B 217 -25.81 -17.62 36.17
CA ASP B 217 -25.96 -19.04 35.95
C ASP B 217 -27.02 -19.67 36.84
N THR B 218 -27.52 -18.94 37.84
CA THR B 218 -28.58 -19.43 38.71
C THR B 218 -29.98 -19.09 38.20
N ALA B 219 -30.09 -18.33 37.11
CA ALA B 219 -31.38 -17.90 36.60
C ALA B 219 -32.13 -19.08 35.97
N THR B 220 -33.39 -18.83 35.64
CA THR B 220 -34.27 -19.86 35.10
C THR B 220 -34.11 -19.95 33.58
N LEU B 221 -34.16 -21.18 33.06
CA LEU B 221 -34.08 -21.40 31.62
C LEU B 221 -35.09 -20.53 30.88
N GLU B 222 -36.37 -20.62 31.26
CA GLU B 222 -37.39 -19.81 30.61
C GLU B 222 -37.10 -18.33 30.76
N SER B 223 -36.52 -17.91 31.89
CA SER B 223 -36.25 -16.50 32.11
C SER B 223 -35.16 -15.98 31.17
N ALA B 224 -34.32 -16.86 30.63
CA ALA B 224 -33.31 -16.41 29.67
C ALA B 224 -33.96 -15.90 28.40
N LEU B 225 -34.98 -16.61 27.90
CA LEU B 225 -35.69 -16.13 26.72
C LEU B 225 -36.24 -14.72 26.95
N ALA B 226 -36.61 -14.39 28.18
CA ALA B 226 -37.05 -13.03 28.47
C ALA B 226 -36.00 -12.01 28.08
N ILE B 227 -34.72 -12.40 28.12
CA ILE B 227 -33.66 -11.49 27.70
C ILE B 227 -33.50 -11.52 26.19
N PHE B 228 -33.35 -12.72 25.62
CA PHE B 228 -33.17 -12.83 24.18
C PHE B 228 -34.27 -12.11 23.42
N ASN B 229 -35.53 -12.50 23.66
CA ASN B 229 -36.64 -11.96 22.89
C ASN B 229 -36.91 -10.50 23.22
N GLU B 230 -36.42 -10.01 24.36
CA GLU B 230 -36.61 -8.60 24.73
C GLU B 230 -35.45 -7.73 24.27
N THR B 231 -34.22 -8.21 24.36
CA THR B 231 -33.07 -7.50 23.83
C THR B 231 -32.76 -7.88 22.39
N GLY B 232 -33.41 -8.91 21.85
CA GLY B 232 -33.18 -9.33 20.49
C GLY B 232 -31.85 -9.99 20.23
N PHE B 233 -30.99 -10.12 21.23
CA PHE B 233 -29.68 -10.72 21.02
C PHE B 233 -29.81 -12.22 20.77
N SER B 234 -28.70 -12.80 20.30
CA SER B 234 -28.62 -14.23 20.07
C SER B 234 -27.57 -14.94 20.91
N ARG B 235 -26.71 -14.19 21.60
CA ARG B 235 -25.70 -14.77 22.48
C ARG B 235 -25.46 -13.83 23.63
N ILE B 236 -25.61 -14.33 24.85
CA ILE B 236 -25.42 -13.52 26.05
C ILE B 236 -24.42 -14.22 26.96
N PRO B 237 -23.43 -13.51 27.50
CA PRO B 237 -22.54 -14.15 28.47
C PRO B 237 -23.29 -14.60 29.70
N VAL B 238 -22.64 -15.48 30.47
CA VAL B 238 -23.18 -16.00 31.71
C VAL B 238 -22.16 -15.77 32.81
N TYR B 239 -22.61 -15.35 33.99
CA TYR B 239 -21.72 -15.04 35.09
C TYR B 239 -22.16 -15.80 36.34
N HIS B 240 -21.23 -15.91 37.28
CA HIS B 240 -21.39 -16.72 38.50
C HIS B 240 -21.25 -15.82 39.72
N GLU B 241 -22.39 -15.34 40.22
CA GLU B 241 -22.49 -14.54 41.45
C GLU B 241 -21.55 -13.33 41.44
N ARG B 242 -21.03 -12.95 40.28
CA ARG B 242 -20.19 -11.76 40.17
C ARG B 242 -20.16 -11.34 38.71
N ILE B 243 -20.57 -10.10 38.44
CA ILE B 243 -20.54 -9.60 37.06
C ILE B 243 -19.14 -9.77 36.47
N ASP B 244 -18.12 -9.72 37.33
CA ASP B 244 -16.75 -9.91 36.85
C ASP B 244 -16.53 -11.33 36.33
N ASN B 245 -17.19 -12.30 36.94
CA ASN B 245 -16.88 -13.71 36.71
C ASN B 245 -17.79 -14.25 35.61
N ILE B 246 -17.26 -14.31 34.39
CA ILE B 246 -17.98 -14.89 33.26
C ILE B 246 -17.60 -16.36 33.15
N VAL B 247 -18.59 -17.24 33.19
CA VAL B 247 -18.37 -18.68 33.22
C VAL B 247 -18.83 -19.38 31.95
N GLY B 248 -19.56 -18.70 31.07
CA GLY B 248 -20.02 -19.35 29.85
C GLY B 248 -20.81 -18.39 29.00
N LEU B 249 -20.95 -18.76 27.73
CA LEU B 249 -21.79 -18.06 26.77
C LEU B 249 -23.03 -18.88 26.51
N LEU B 250 -24.19 -18.25 26.55
CA LEU B 250 -25.47 -18.92 26.33
C LEU B 250 -25.99 -18.57 24.94
N ASN B 251 -26.26 -19.60 24.15
CA ASN B 251 -26.74 -19.44 22.77
C ASN B 251 -28.25 -19.58 22.74
N VAL B 252 -28.92 -18.59 22.15
CA VAL B 252 -30.39 -18.57 22.18
C VAL B 252 -30.95 -19.83 21.51
N LYS B 253 -30.35 -20.25 20.40
CA LYS B 253 -30.85 -21.42 19.68
C LYS B 253 -30.90 -22.63 20.60
N ASP B 254 -29.92 -22.77 21.51
CA ASP B 254 -29.92 -23.88 22.44
C ASP B 254 -31.12 -23.82 23.38
N VAL B 255 -31.59 -22.61 23.70
CA VAL B 255 -32.71 -22.48 24.63
C VAL B 255 -34.02 -22.76 23.93
N PHE B 256 -34.18 -22.30 22.68
CA PHE B 256 -35.38 -22.64 21.92
C PHE B 256 -35.54 -24.15 21.81
N SER B 257 -34.46 -24.86 21.51
CA SER B 257 -34.45 -26.31 21.43
C SER B 257 -33.85 -26.93 22.69
N ALA B 258 -34.38 -26.55 23.85
CA ALA B 258 -33.89 -27.04 25.13
C ALA B 258 -34.85 -28.09 25.69
N GLN B 259 -34.29 -29.06 26.39
CA GLN B 259 -35.08 -30.09 27.04
C GLN B 259 -35.90 -29.48 28.18
N THR B 260 -36.86 -30.27 28.68
CA THR B 260 -37.76 -29.77 29.71
C THR B 260 -37.06 -29.55 31.04
N SER B 261 -35.91 -30.17 31.27
CA SER B 261 -35.24 -30.12 32.56
C SER B 261 -33.89 -29.40 32.56
N ALA B 262 -33.40 -28.99 31.39
CA ALA B 262 -32.08 -28.37 31.32
C ALA B 262 -32.04 -27.08 32.12
N THR B 263 -30.85 -26.73 32.60
CA THR B 263 -30.60 -25.49 33.33
C THR B 263 -29.68 -24.60 32.51
N ILE B 264 -29.37 -23.43 33.08
CA ILE B 264 -28.51 -22.48 32.37
C ILE B 264 -27.13 -23.08 32.14
N ARG B 265 -26.57 -23.75 33.15
CA ARG B 265 -25.24 -24.31 33.03
C ARG B 265 -25.18 -25.50 32.09
N ASP B 266 -26.32 -26.07 31.70
CA ASP B 266 -26.29 -27.20 30.78
C ASP B 266 -26.04 -26.77 29.34
N LEU B 267 -26.62 -25.65 28.93
CA LEU B 267 -26.51 -25.20 27.54
C LEU B 267 -25.43 -24.15 27.32
N MET B 268 -24.84 -23.61 28.38
CA MET B 268 -23.73 -22.69 28.19
C MET B 268 -22.48 -23.46 27.80
N TYR B 269 -21.54 -22.77 27.16
CA TYR B 269 -20.29 -23.38 26.72
C TYR B 269 -19.12 -22.49 27.13
N GLU B 270 -17.97 -23.12 27.30
CA GLU B 270 -16.78 -22.40 27.74
C GLU B 270 -16.48 -21.26 26.78
N PRO B 271 -16.31 -20.03 27.27
CA PRO B 271 -16.00 -18.92 26.37
C PRO B 271 -14.52 -18.85 26.04
N TYR B 272 -14.24 -18.24 24.89
CA TYR B 272 -12.87 -17.96 24.48
C TYR B 272 -12.45 -16.65 25.12
N PHE B 273 -11.63 -16.73 26.17
CA PHE B 273 -11.18 -15.55 26.88
C PHE B 273 -9.95 -14.95 26.20
N ILE B 274 -9.95 -13.63 26.08
CA ILE B 274 -8.87 -12.91 25.39
C ILE B 274 -8.58 -11.62 26.14
N PRO B 275 -7.36 -11.10 25.99
CA PRO B 275 -7.01 -9.85 26.66
C PRO B 275 -7.50 -8.63 25.89
N GLU B 276 -7.41 -7.48 26.55
CA GLU B 276 -7.78 -6.22 25.90
C GLU B 276 -6.81 -5.84 24.79
N SER B 277 -5.58 -6.36 24.83
CA SER B 277 -4.57 -6.05 23.83
C SER B 277 -4.55 -7.04 22.68
N LYS B 278 -5.60 -7.84 22.52
CA LYS B 278 -5.65 -8.82 21.45
C LYS B 278 -5.86 -8.14 20.11
N LYS B 279 -4.99 -8.44 19.14
CA LYS B 279 -5.18 -7.93 17.79
C LYS B 279 -6.42 -8.56 17.18
N ILE B 280 -7.28 -7.73 16.59
CA ILE B 280 -8.52 -8.24 16.01
C ILE B 280 -8.30 -8.93 14.67
N ASP B 281 -7.13 -8.74 14.05
CA ASP B 281 -6.85 -9.43 12.80
C ASP B 281 -6.71 -10.94 13.00
N GLU B 282 -5.97 -11.33 14.05
CA GLU B 282 -5.82 -12.74 14.36
C GLU B 282 -7.01 -13.31 15.11
N LEU B 283 -7.86 -12.45 15.67
CA LEU B 283 -9.05 -12.94 16.37
C LEU B 283 -10.15 -13.31 15.38
N LEU B 284 -10.26 -12.57 14.28
CA LEU B 284 -11.24 -12.94 13.25
C LEU B 284 -10.95 -14.33 12.71
N LYS B 285 -9.68 -14.75 12.76
CA LYS B 285 -9.31 -16.08 12.30
C LYS B 285 -9.46 -17.13 13.39
N GLU B 286 -9.13 -16.77 14.64
CA GLU B 286 -9.28 -17.72 15.73
C GLU B 286 -10.74 -18.07 15.96
N LEU B 287 -11.64 -17.10 15.85
CA LEU B 287 -13.06 -17.40 15.94
C LEU B 287 -13.52 -18.24 14.75
N GLN B 288 -13.04 -17.91 13.55
CA GLN B 288 -13.40 -18.67 12.37
C GLN B 288 -12.85 -20.08 12.39
N VAL B 289 -11.89 -20.37 13.27
CA VAL B 289 -11.37 -21.73 13.39
C VAL B 289 -12.15 -22.53 14.42
N LYS B 290 -12.68 -21.89 15.45
CA LYS B 290 -13.47 -22.56 16.47
C LYS B 290 -14.93 -22.67 16.10
N LYS B 291 -15.34 -22.15 14.94
CA LYS B 291 -16.75 -22.07 14.59
C LYS B 291 -17.53 -21.30 15.66
N GLN B 292 -16.89 -20.29 16.25
CA GLN B 292 -17.45 -19.53 17.35
C GLN B 292 -17.60 -18.06 16.94
N HIS B 293 -18.51 -17.37 17.62
CA HIS B 293 -18.90 -16.01 17.24
C HIS B 293 -18.47 -14.94 18.24
N MET B 294 -18.53 -15.24 19.55
CA MET B 294 -18.26 -14.26 20.58
C MET B 294 -17.00 -14.61 21.34
N ALA B 295 -16.30 -13.57 21.81
CA ALA B 295 -15.07 -13.72 22.58
C ALA B 295 -15.14 -12.82 23.81
N VAL B 296 -14.94 -13.41 24.99
CA VAL B 296 -14.97 -12.65 26.22
C VAL B 296 -13.61 -11.98 26.44
N VAL B 297 -13.64 -10.73 26.86
CA VAL B 297 -12.42 -9.94 27.08
C VAL B 297 -12.23 -9.75 28.58
N LEU B 298 -10.98 -9.82 29.03
CA LEU B 298 -10.63 -9.61 30.43
C LEU B 298 -9.55 -8.54 30.53
N ASP B 299 -9.61 -7.77 31.62
CA ASP B 299 -8.65 -6.69 31.85
C ASP B 299 -7.38 -7.26 32.46
N GLU B 300 -6.50 -6.38 32.94
CA GLU B 300 -5.21 -6.82 33.48
C GLU B 300 -5.35 -7.68 34.73
N TYR B 301 -6.51 -7.64 35.38
CA TYR B 301 -6.72 -8.37 36.63
C TYR B 301 -7.58 -9.62 36.45
N GLY B 302 -7.91 -9.99 35.22
CA GLY B 302 -8.80 -11.11 34.98
C GLY B 302 -10.27 -10.80 35.15
N SER B 303 -10.62 -9.55 35.43
CA SER B 303 -12.02 -9.18 35.59
C SER B 303 -12.65 -8.94 34.23
N PHE B 304 -13.95 -9.21 34.13
CA PHE B 304 -14.67 -9.03 32.88
C PHE B 304 -14.55 -7.58 32.41
N ALA B 305 -14.54 -7.39 31.09
CA ALA B 305 -14.41 -6.07 30.51
C ALA B 305 -15.38 -5.88 29.35
N GLY B 306 -15.57 -6.91 28.54
CA GLY B 306 -16.45 -6.80 27.40
C GLY B 306 -16.34 -8.01 26.51
N ILE B 307 -17.14 -8.00 25.45
CA ILE B 307 -17.20 -9.09 24.48
C ILE B 307 -16.98 -8.53 23.09
N VAL B 308 -16.57 -9.41 22.18
CA VAL B 308 -16.28 -9.05 20.79
C VAL B 308 -16.84 -10.14 19.89
N THR B 309 -17.62 -9.75 18.90
CA THR B 309 -18.28 -10.69 17.99
C THR B 309 -17.64 -10.61 16.62
N VAL B 310 -17.86 -11.67 15.82
CA VAL B 310 -17.43 -11.64 14.44
C VAL B 310 -18.12 -10.53 13.67
N GLU B 311 -19.29 -10.09 14.14
CA GLU B 311 -19.97 -8.97 13.52
C GLU B 311 -19.25 -7.65 13.78
N ASP B 312 -18.47 -7.58 14.86
CA ASP B 312 -17.67 -6.38 15.12
C ASP B 312 -16.53 -6.25 14.12
N MET B 313 -15.64 -7.25 14.11
CA MET B 313 -14.51 -7.22 13.19
C MET B 313 -14.99 -7.09 11.74
N LEU B 314 -16.09 -7.74 11.39
CA LEU B 314 -16.63 -7.61 10.05
C LEU B 314 -16.96 -6.16 9.72
N GLU B 315 -17.52 -5.43 10.68
CA GLU B 315 -17.82 -4.02 10.45
C GLU B 315 -16.55 -3.23 10.15
N GLU B 316 -15.44 -3.59 10.80
CA GLU B 316 -14.20 -2.84 10.62
C GLU B 316 -13.70 -2.94 9.18
N LEU B 317 -13.50 -4.16 8.69
CA LEU B 317 -12.90 -4.32 7.37
C LEU B 317 -13.82 -3.85 6.26
N VAL B 318 -15.13 -3.92 6.46
CA VAL B 318 -16.10 -3.55 5.43
C VAL B 318 -16.34 -2.06 5.36
N LEU B 319 -15.91 -1.29 6.36
CA LEU B 319 -16.16 0.15 6.40
C LEU B 319 -15.65 0.82 5.14
N GLU B 320 -16.43 1.78 4.63
CA GLU B 320 -16.14 2.41 3.35
C GLU B 320 -15.15 3.56 3.50
N HIS B 321 -14.24 3.67 2.54
CA HIS B 321 -13.14 4.62 2.59
C HIS B 321 -13.33 5.75 1.59
N HIS B 322 -12.53 6.80 1.79
CA HIS B 322 -12.60 8.00 0.97
C HIS B 322 -11.72 7.85 -0.27
N HIS B 323 -12.14 8.48 -1.36
CA HIS B 323 -11.44 8.42 -2.63
C HIS B 323 -10.70 9.72 -2.89
N HIS B 324 -9.47 9.60 -3.37
CA HIS B 324 -8.64 10.76 -3.68
C HIS B 324 -8.45 10.90 -5.18
MG MG C . 21.30 20.06 -11.96
S SO4 D . -2.64 27.18 -15.06
O1 SO4 D . -3.18 27.43 -13.72
O2 SO4 D . -3.64 27.55 -16.07
O3 SO4 D . -1.44 27.98 -15.26
O4 SO4 D . -2.32 25.77 -15.19
CA UMQ E . 10.53 20.38 -30.20
CB UMQ E . 10.97 21.27 -28.99
CC UMQ E . 12.20 20.62 -28.29
CD UMQ E . 12.41 21.29 -26.89
CF UMQ E . 13.71 20.74 -26.23
CG UMQ E . 13.88 21.38 -24.82
CH UMQ E . 15.26 21.02 -24.21
CI UMQ E . 15.41 21.73 -22.85
CJ UMQ E . 16.88 21.67 -22.36
CK UMQ E . 17.26 20.22 -22.03
CL UMQ E . 18.59 20.20 -21.26
CF UMQ F . 9.36 30.46 -18.68
CG UMQ F . 9.22 30.14 -17.16
CH UMQ F . 10.63 29.84 -16.56
CI UMQ F . 10.52 29.70 -15.03
CJ UMQ F . 11.93 29.81 -14.41
CK UMQ F . 11.84 29.80 -12.89
CL UMQ F . 13.21 30.07 -12.28
C2 UMQ G . -3.79 11.10 -25.34
C4 UMQ G . -4.55 9.11 -26.73
C5 UMQ G . -3.94 9.75 -28.02
C6 UMQ G . -4.76 9.52 -29.16
O2 UMQ G . -2.83 10.67 -24.30
O4 UMQ G . -3.71 8.04 -26.32
C1 UMQ G . -3.02 11.50 -26.55
C3 UMQ G . -4.75 10.03 -25.54
O1 UMQ G . -1.83 10.76 -26.58
O3 UMQ G . -6.09 10.64 -25.68
O5 UMQ G . -3.78 11.25 -27.79
O6 UMQ G . -4.03 8.83 -30.13
C1' UMQ G . 2.10 11.84 -27.45
C2' UMQ G . 1.21 12.94 -26.93
C3' UMQ G . -0.05 12.37 -26.34
C4' UMQ G . -0.78 11.47 -27.29
C5' UMQ G . 0.12 10.43 -27.94
C6' UMQ G . -0.60 9.75 -29.06
O1' UMQ G . 3.24 12.36 -28.02
O3' UMQ G . -0.91 13.47 -25.96
O5' UMQ G . 1.38 11.02 -28.49
O6' UMQ G . 0.32 9.29 -30.01
O2' UMQ G . 1.91 13.68 -25.91
CA UMQ G . 4.26 11.39 -28.25
CB UMQ G . 5.57 12.07 -28.80
CC UMQ G . 5.77 13.45 -28.11
CF UMQ G . 11.54 11.97 -26.73
CG UMQ G . 12.04 10.51 -26.95
CH UMQ G . 13.45 10.26 -26.38
CI UMQ G . 13.81 11.24 -25.24
CJ UMQ G . 15.22 10.89 -24.72
CK UMQ G . 15.25 11.00 -23.19
H21 UMQ G . -4.29 11.88 -25.04
H41 UMQ G . -5.44 8.81 -26.98
H51 UMQ G . -3.07 9.34 -28.15
H61 UMQ G . -5.54 8.99 -28.90
H62 UMQ G . -5.06 10.38 -29.51
HO21 UMQ G . -2.99 11.11 -23.58
HO41 UMQ G . -4.18 7.35 -26.18
H11 UMQ G . -2.80 12.45 -26.50
H31 UMQ G . -4.68 9.45 -24.77
HO31 UMQ G . -6.58 10.40 -25.03
HO61 UMQ G . -4.55 8.55 -30.75
H1'1 UMQ G . 2.38 11.27 -26.71
H2'1 UMQ G . 0.98 13.54 -27.64
H3'1 UMQ G . 0.17 11.85 -25.55
H4'1 UMQ G . -1.17 12.03 -27.99
H5'1 UMQ G . 0.35 9.78 -27.26
H6'1 UMQ G . -1.21 10.38 -29.48
H6'2 UMQ G . -1.11 9.00 -28.71
HO6' UMQ G . -0.03 8.67 -30.46
HO2' UMQ G . 1.78 14.51 -26.03
HA1 UMQ G . 4.47 10.93 -27.42
HA2 UMQ G . 3.95 10.74 -28.90
HB1 UMQ G . 5.49 12.21 -29.76
HB2 UMQ G . 6.33 11.51 -28.61
HC1 UMQ G . 5.18 14.11 -28.51
HC2 UMQ G . 5.58 13.37 -27.16
HF1 UMQ G . 12.23 12.59 -27.02
HF2 UMQ G . 11.34 12.12 -25.79
HG1 UMQ G . 11.42 9.90 -26.51
HG2 UMQ G . 12.05 10.32 -27.90
HH1 UMQ G . 13.51 9.36 -26.05
HH2 UMQ G . 14.10 10.39 -27.10
HI1 UMQ G . 13.80 12.15 -25.56
HI2 UMQ G . 13.17 11.14 -24.51
HJ1 UMQ G . 15.86 11.52 -25.09
HJ2 UMQ G . 15.45 9.99 -24.98
HK1 UMQ G . 14.66 10.33 -22.81
HK2 UMQ G . 14.96 11.88 -22.92
C2 UMQ H . -0.21 5.13 -29.09
C4 UMQ H . -1.35 2.97 -28.87
C5 UMQ H . 0.00 2.21 -28.97
C6 UMQ H . -0.19 0.95 -29.60
O2 UMQ H . 0.01 6.41 -28.37
O4 UMQ H . -2.22 2.25 -28.01
C1 UMQ H . 1.10 4.44 -29.23
C3 UMQ H . -1.18 4.36 -28.33
O1 UMQ H . 1.67 4.32 -27.95
O3 UMQ H . -2.48 5.05 -28.38
O5 UMQ H . 0.94 3.08 -29.81
O6 UMQ H . 0.99 0.20 -29.53
C1' UMQ H . 5.90 4.17 -28.73
C2' UMQ H . 5.06 2.90 -28.69
C3' UMQ H . 3.61 3.14 -28.91
C4' UMQ H . 3.13 4.20 -27.97
C5' UMQ H . 3.80 5.51 -28.34
C6' UMQ H . 3.26 6.63 -27.51
O1' UMQ H . 7.05 3.90 -28.04
O3' UMQ H . 2.87 1.92 -28.70
O5' UMQ H . 5.26 5.40 -28.12
O6' UMQ H . 3.77 7.84 -27.98
O2' UMQ H . 5.53 2.00 -29.71
CA UMQ H . 8.11 4.85 -28.19
CB UMQ H . 9.47 4.07 -28.19
CC UMQ H . 10.64 5.06 -28.49
CD UMQ H . 11.07 5.76 -27.17
CF UMQ H . 11.96 4.79 -26.33
CG UMQ H . 12.16 5.37 -24.91
CH UMQ H . 13.25 4.54 -24.16
CI UMQ H . 13.05 4.68 -22.64
CJ UMQ H . 14.25 4.04 -21.91
CK UMQ H . 13.94 3.94 -20.41
CL UMQ H . 15.14 3.32 -19.68
H21 UMQ H . -0.57 5.32 -29.97
H41 UMQ H . -1.75 3.02 -29.76
H51 UMQ H . 0.37 2.07 -28.09
H61 UMQ H . -0.42 1.09 -30.54
H62 UMQ H . -0.91 0.47 -29.16
HO21 UMQ H . -0.12 6.30 -27.54
HO41 UMQ H . -2.70 1.71 -28.47
H11 UMQ H . 1.69 4.95 -29.80
H31 UMQ H . -0.88 4.30 -27.41
HO31 UMQ H . -3.01 4.69 -27.82
HO61 UMQ H . 0.81 -0.63 -29.57
H1'1 UMQ H . 6.06 4.38 -29.67
H2'1 UMQ H . 5.17 2.50 -27.80
H3'1 UMQ H . 3.43 3.42 -29.83
H4'1 UMQ H . 3.34 3.95 -27.05
H5'1 UMQ H . 3.60 5.72 -29.27
H6'1 UMQ H . 2.30 6.64 -27.56
H6'2 UMQ H . 3.54 6.50 -26.59
HO6' UMQ H . 3.40 8.03 -28.73
HO2' UMQ H . 4.95 1.40 -29.85
HA1 UMQ H . 8.10 5.50 -27.47
HA2 UMQ H . 8.01 5.32 -29.03
HB1 UMQ H . 9.61 3.67 -27.32
HB2 UMQ H . 9.45 3.38 -28.87
HC1 UMQ H . 11.38 4.57 -28.86
HC2 UMQ H . 10.34 5.72 -29.13
HD1 UMQ H . 11.57 6.56 -27.38
HD2 UMQ H . 10.28 6.00 -26.66
HF1 UMQ H . 12.83 4.69 -26.77
HF2 UMQ H . 11.53 3.92 -26.27
HG1 UMQ H . 11.33 5.33 -24.43
HG2 UMQ H . 12.45 6.30 -24.98
HH1 UMQ H . 14.13 4.86 -24.40
HH2 UMQ H . 13.17 3.61 -24.41
HI1 UMQ H . 12.24 4.21 -22.38
HI2 UMQ H . 12.98 5.61 -22.41
HJ1 UMQ H . 15.05 4.59 -22.04
HJ2 UMQ H . 14.42 3.14 -22.26
HK1 UMQ H . 13.78 4.82 -20.05
HK2 UMQ H . 13.16 3.39 -20.27
HL1 UMQ H . 14.94 3.24 -18.74
HL2 UMQ H . 15.32 2.44 -20.05
HL3 UMQ H . 15.92 3.88 -19.80
C2 UMQ I . 2.94 25.45 -24.59
C4 UMQ I . 0.54 25.21 -24.43
C5 UMQ I . 0.42 25.91 -23.06
C6 UMQ I . -0.60 25.29 -22.29
O2 UMQ I . 3.98 26.26 -25.25
O4 UMQ I . -0.67 25.38 -25.16
C1 UMQ I . 3.03 25.69 -23.11
C3 UMQ I . 1.66 25.80 -25.19
O1 UMQ I . 3.78 26.86 -22.89
O3 UMQ I . 1.62 25.28 -26.58
O5 UMQ I . 1.77 25.79 -22.33
O6 UMQ I . -1.84 25.87 -22.61
C1' UMQ I . 7.88 27.08 -21.72
C2' UMQ I . 7.42 25.95 -22.61
C3' UMQ I . 6.09 26.18 -23.23
C4' UMQ I . 5.05 26.56 -22.21
C5' UMQ I . 5.51 27.77 -21.43
C6' UMQ I . 4.51 28.11 -20.37
O1' UMQ I . 8.99 26.65 -21.01
O3' UMQ I . 5.69 24.96 -23.90
O5' UMQ I . 6.82 27.52 -20.76
O6' UMQ I . 5.10 28.95 -19.41
O2' UMQ I . 8.40 25.77 -23.67
CA UMQ I . 10.17 27.45 -21.12
CB UMQ I . 11.42 26.51 -21.05
CC UMQ I . 12.15 26.66 -19.67
CD UMQ I . 12.87 28.05 -19.61
CF UMQ I . 13.38 28.29 -18.16
CG UMQ I . 14.86 27.85 -18.05
CH UMQ I . 15.49 28.46 -16.75
CI UMQ I . 16.95 28.85 -17.01
H21 UMQ I . 3.07 24.50 -24.73
H41 UMQ I . 0.66 24.25 -24.32
H51 UMQ I . 0.22 26.85 -23.20
H61 UMQ I . -0.42 25.41 -21.36
H62 UMQ I . -0.64 24.34 -22.50
HO21 UMQ I . 4.20 25.89 -25.98
HO41 UMQ I . -0.63 24.93 -25.89
H11 UMQ I . 3.48 24.89 -22.76
H31 UMQ I . 1.57 26.76 -25.23
HO31 UMQ I . 1.01 25.67 -27.01
HO61 UMQ I . -2.45 25.28 -22.56
H1'1 UMQ I . 8.11 27.85 -22.28
H2'1 UMQ I . 7.37 25.14 -22.07
H3'1 UMQ I . 6.14 26.90 -23.88
H4'1 UMQ I . 4.88 25.81 -21.62
H5'1 UMQ I . 5.59 28.52 -22.03
H6'1 UMQ I . 3.75 28.57 -20.78
H6'2 UMQ I . 4.19 27.30 -19.94
HO6' UMQ I . 4.50 29.35 -18.97
HO2' UMQ I . 8.39 26.46 -24.17
HA1 UMQ I . 10.20 28.09 -20.39
HA2 UMQ I . 10.17 27.93 -21.96
HB1 UMQ I . 12.04 26.74 -21.75
HB2 UMQ I . 11.14 25.59 -21.15
HC1 UMQ I . 11.49 26.62 -18.96
HC2 UMQ I . 12.79 25.95 -19.56
HD1 UMQ I . 12.25 28.75 -19.87
HD2 UMQ I . 13.62 28.03 -20.22
HF1 UMQ I . 12.84 27.79 -17.53
HF2 UMQ I . 13.32 29.24 -17.96
HG1 UMQ I . 15.36 28.16 -18.82
HG2 UMQ I . 14.91 26.88 -18.00
HH1 UMQ I . 15.45 27.81 -16.04
HH2 UMQ I . 14.98 29.25 -16.50
HI1 UMQ I . 17.40 28.13 -17.48
HI2 UMQ I . 16.98 29.65 -17.56
PG ATP J . -26.02 -18.28 13.11
O1G ATP J . -24.62 -18.81 13.29
O2G ATP J . -25.98 -16.79 12.89
O3G ATP J . -26.85 -18.59 14.34
PB ATP J . -26.28 -20.57 11.44
O1B ATP J . -25.06 -20.95 12.23
O2B ATP J . -27.42 -21.51 11.76
O3B ATP J . -26.70 -19.03 11.81
PA ATP J . -24.66 -19.78 9.22
O1A ATP J . -23.60 -19.60 10.28
O2A ATP J . -25.16 -18.43 8.77
O3A ATP J . -25.90 -20.66 9.84
O5' ATP J . -24.01 -20.57 7.94
C5' ATP J . -23.00 -21.52 8.20
C4' ATP J . -23.13 -22.63 7.14
O4' ATP J . -24.31 -23.17 7.23
C3' ATP J . -23.02 -22.04 5.72
O3' ATP J . -22.26 -22.82 4.92
C2' ATP J . -24.46 -22.02 5.20
O2' ATP J . -24.47 -22.16 3.72
C1' ATP J . -25.01 -23.05 5.78
N9 ATP J . -26.43 -22.91 5.94
C8 ATP J . -27.10 -22.00 6.65
N7 ATP J . -28.41 -22.25 6.52
C5 ATP J . -28.54 -23.32 5.74
C6 ATP J . -29.65 -24.01 5.29
N6 ATP J . -31.07 -23.78 5.52
N1 ATP J . -29.50 -25.07 4.51
C2 ATP J . -28.27 -25.48 4.15
N3 ATP J . -27.18 -24.81 4.59
C4 ATP J . -27.32 -23.74 5.38
H5'1 ATP J . -23.13 -21.88 9.08
H5'2 ATP J . -22.13 -21.09 8.14
H4' ATP J . -22.43 -23.31 7.25
H3' ATP J . -22.65 -21.14 5.76
H2' ATP J . -24.93 -21.20 5.44
HO2' ATP J . -24.25 -21.43 3.36
H1' ATP J . -24.81 -23.84 5.24
H8 ATP J . -26.73 -21.30 7.14
HN61 ATP J . -31.33 -23.10 5.97
HN62 ATP J . -31.65 -24.34 5.21
H2 ATP J . -28.17 -26.22 3.61
OH2 1PE K . -10.30 11.41 -14.46
C12 1PE K . -9.60 10.62 -13.54
C22 1PE K . -8.55 11.47 -12.82
OH3 1PE K . -7.31 11.31 -13.44
C13 1PE K . -5.17 10.23 -13.58
C23 1PE K . -6.57 10.22 -12.95
OH4 1PE K . -4.22 10.00 -12.59
C14 1PE K . -2.21 8.95 -11.86
C24 1PE K . -3.44 8.85 -12.76
OH5 1PE K . -1.94 7.69 -11.30
C15 1PE K . -1.16 6.38 -9.46
C25 1PE K . -1.72 7.72 -9.93
OH6 1PE K . -0.04 6.61 -8.66
C16 1PE K . 2.23 7.40 -8.47
C26 1PE K . 1.15 6.79 -9.37
OH7 1PE K . 3.41 7.57 -9.20
HO2 1PE K . -9.77 11.64 -15.09
H121 1PE K . -10.22 10.27 -12.88
H122 1PE K . -9.16 9.89 -13.99
H221 1PE K . -8.81 12.41 -12.87
H222 1PE K . -8.50 11.20 -11.89
H131 1PE K . -5.11 9.55 -14.26
H132 1PE K . -5.02 11.10 -13.99
H231 1PE K . -6.49 10.29 -11.99
H232 1PE K . -7.01 9.39 -13.19
H141 1PE K . -1.45 9.24 -12.39
H142 1PE K . -2.39 9.58 -11.15
H241 1PE K . -3.96 8.06 -12.53
H242 1PE K . -3.16 8.78 -13.70
H151 1PE K . -1.83 5.91 -8.94
H152 1PE K . -0.90 5.85 -10.22
H251 1PE K . -2.55 7.90 -9.47
H252 1PE K . -1.09 8.43 -9.72
H161 1PE K . 1.92 8.26 -8.15
H162 1PE K . 2.39 6.80 -7.72
H261 1PE K . 1.45 5.93 -9.70
H262 1PE K . 0.99 7.38 -10.12
HO7 1PE K . 3.35 7.15 -9.94
MG MG L . -26.05 -10.25 14.29
MG MG M . -23.27 -19.95 12.23
S SO4 N . 27.95 -4.36 10.34
O1 SO4 N . 29.00 -3.46 10.79
O2 SO4 N . 26.71 -3.60 10.15
O3 SO4 N . 27.72 -5.41 11.34
O4 SO4 N . 28.34 -4.97 9.07
C1' UMQ O . 29.43 -3.40 -3.60
O1' UMQ O . 28.17 -3.60 -4.12
CA UMQ O . 27.97 -3.00 -5.42
CB UMQ O . 26.45 -2.95 -5.76
CC UMQ O . 26.27 -2.27 -7.15
CD UMQ O . 24.81 -2.48 -7.67
CF UMQ O . 24.76 -2.18 -9.20
CG UMQ O . 23.28 -2.16 -9.70
CH UMQ O . 23.24 -1.97 -11.24
CI UMQ O . 23.14 -3.34 -11.94
CJ UMQ O . 22.16 -3.24 -13.14
CK UMQ O . 22.60 -2.12 -14.09
CL UMQ O . 21.49 -1.85 -15.10
H1'1 UMQ O . 29.67 -4.18 -3.06
C2 UMQ P . 36.29 -1.47 7.57
C4 UMQ P . 38.03 -0.72 9.13
C5 UMQ P . 37.23 0.61 9.10
C6 UMQ P . 38.00 1.66 9.65
O2 UMQ P . 35.02 -1.17 8.25
O4 UMQ P . 38.36 -1.03 10.48
C1 UMQ P . 36.71 -0.26 6.79
C3 UMQ P . 37.27 -1.88 8.55
O1 UMQ P . 35.71 0.06 5.84
O3 UMQ P . 38.22 -2.81 7.93
O5 UMQ P . 36.92 0.93 7.63
O6 UMQ P . 37.82 2.83 8.88
C1' UMQ P . 35.51 0.17 1.69
C2' UMQ P . 34.94 -1.05 2.38
C3' UMQ P . 34.80 -0.83 3.85
C4' UMQ P . 36.07 -0.37 4.50
C5' UMQ P . 36.73 0.78 3.76
C6' UMQ P . 38.13 1.00 4.26
O1' UMQ P . 35.68 -0.11 0.36
O3' UMQ P . 34.39 -2.08 4.47
O5' UMQ P . 36.83 0.56 2.29
O6' UMQ P . 38.80 -0.22 4.38
O2' UMQ P . 33.65 -1.34 1.82
CA UMQ P . 35.06 0.82 -0.55
CB UMQ P . 34.82 0.11 -1.93
CC UMQ P . 33.93 1.01 -2.83
CD UMQ P . 33.10 0.15 -3.81
CF UMQ P . 33.39 0.59 -5.27
CG UMQ P . 32.29 0.02 -6.21
CH UMQ P . 32.64 0.36 -7.69
CI UMQ P . 31.39 0.29 -8.58
CJ UMQ P . 30.84 -1.16 -8.63
CK UMQ P . 29.47 -1.17 -9.32
CL UMQ P . 28.98 -2.60 -9.46
H21 UMQ P . 36.14 -2.20 6.94
H41 UMQ P . 38.84 -0.60 8.62
H51 UMQ P . 36.41 0.49 9.60
H61 UMQ P . 37.73 1.82 10.56
H62 UMQ P . 38.94 1.42 9.63
HO21 UMQ P . 34.73 -1.88 8.63
HO41 UMQ P . 38.38 -1.87 10.59
H11 UMQ P . 37.54 -0.49 6.33
H31 UMQ P . 36.80 -2.32 9.27
HO31 UMQ P . 37.84 -3.57 7.81
HO61 UMQ P . 37.05 3.15 9.06
H1'1 UMQ P . 34.89 0.91 1.78
H2'1 UMQ P . 35.52 -1.81 2.23
H3'1 UMQ P . 34.12 -0.16 3.99
H4'1 UMQ P . 36.71 -1.11 4.53
H5'1 UMQ P . 36.20 1.57 3.94
H6'1 UMQ P . 38.09 1.42 5.14
H6'2 UMQ P . 38.61 1.57 3.65
HO6' UMQ P . 39.64 -0.10 4.27
HO2' UMQ P . 33.21 -0.62 1.70
HA1 UMQ P . 35.64 1.59 -0.67
HA2 UMQ P . 34.21 1.11 -0.19
HB1 UMQ P . 35.67 -0.06 -2.37
HB2 UMQ P . 34.37 -0.74 -1.78
HC1 UMQ P . 34.50 1.62 -3.34
HC2 UMQ P . 33.34 1.54 -2.27
HD1 UMQ P . 33.35 -0.79 -3.71
HD2 UMQ P . 32.16 0.26 -3.62
HF1 UMQ P . 33.38 1.56 -5.32
HF2 UMQ P . 34.26 0.25 -5.54
HG1 UMQ P . 31.43 0.42 -5.99
HG2 UMQ P . 32.23 -0.94 -6.10
HH1 UMQ P . 33.31 -0.28 -8.02
HH2 UMQ P . 33.02 1.25 -7.73
HI1 UMQ P . 31.60 0.59 -9.47
HI2 UMQ P . 30.70 0.88 -8.20
HJ1 UMQ P . 31.46 -1.72 -9.12
HJ2 UMQ P . 30.75 -1.51 -7.72
HK1 UMQ P . 29.55 -0.77 -10.20
HK2 UMQ P . 28.84 -0.66 -8.79
HL1 UMQ P . 28.10 -2.61 -9.88
HL2 UMQ P . 28.91 -3.01 -8.57
HL3 UMQ P . 29.59 -3.11 -10.01
C2 UMQ Q . 36.39 19.85 15.41
C4 UMQ Q . 34.14 19.73 16.35
C5 UMQ Q . 33.61 20.77 15.33
C6 UMQ Q . 32.62 21.59 15.95
O2 UMQ Q . 37.48 19.04 14.83
O4 UMQ Q . 33.10 18.81 16.63
C1 UMQ Q . 35.93 20.84 14.38
C3 UMQ Q . 35.33 18.98 15.85
O1 UMQ Q . 35.55 20.15 13.23
O3 UMQ Q . 35.84 18.11 16.93
O5 UMQ Q . 34.79 21.64 14.87
O6 UMQ Q . 32.10 22.50 15.01
C1' UMQ Q . 35.49 20.65 9.21
C2' UMQ Q . 36.64 19.81 9.70
C3' UMQ Q . 36.43 19.44 11.13
C4' UMQ Q . 36.21 20.64 12.03
C5' UMQ Q . 35.34 21.75 11.43
C6' UMQ Q . 35.67 23.06 12.09
O1' UMQ Q . 35.60 20.83 7.84
O3' UMQ Q . 37.60 18.74 11.61
O5' UMQ Q . 35.49 21.96 9.96
O6' UMQ Q . 34.80 23.27 13.18
O2' UMQ Q . 36.71 18.60 8.91
CA UMQ Q . 36.22 22.04 7.36
CB UMQ Q . 35.15 22.87 6.54
CC UMQ Q . 35.67 23.18 5.11
CD UMQ Q . 35.45 21.94 4.18
CF UMQ Q . 35.34 22.40 2.69
CG UMQ Q . 34.77 21.24 1.83
CH UMQ Q . 34.66 21.70 0.34
CI UMQ Q . 33.42 22.59 0.15
CJ UMQ Q . 32.43 21.94 -0.87
CK UMQ Q . 33.03 22.00 -2.29
CL UMQ Q . 32.02 21.42 -3.28
H21 UMQ Q . 36.74 20.33 16.17
H41 UMQ Q . 34.40 20.20 17.16
H51 UMQ Q . 33.24 20.32 14.57
H61 UMQ Q . 33.03 22.08 16.68
H62 UMQ Q . 31.90 21.03 16.29
HO21 UMQ Q . 37.28 18.84 14.02
HO41 UMQ Q . 33.36 18.27 17.23
H11 UMQ Q . 36.67 21.43 14.16
H31 UMQ Q . 35.05 18.42 15.10
HO31 UMQ Q . 36.28 17.47 16.60
HO61 UMQ Q . 31.44 22.15 14.61
H1'1 UMQ Q . 34.64 20.22 9.34
H2'1 UMQ Q . 37.48 20.28 9.59
H3'1 UMQ Q . 35.65 18.88 11.20
H4'1 UMQ Q . 37.08 21.04 12.22
H5'1 UMQ Q . 34.42 21.49 11.61
H6'1 UMQ Q . 35.56 23.78 11.45
H6'2 UMQ Q . 36.59 23.04 12.41
HO6' UMQ Q . 34.14 23.73 12.93
HO2' UMQ Q . 35.92 18.35 8.71
HA1 UMQ Q . 36.95 21.81 6.77
HA2 UMQ Q . 36.54 22.55 8.10
HB1 UMQ Q . 34.99 23.70 7.01
HB2 UMQ Q . 34.33 22.36 6.49
HC1 UMQ Q . 36.63 23.38 5.15
HC2 UMQ Q . 35.19 23.93 4.76
HD1 UMQ Q . 34.63 21.49 4.43
HD2 UMQ Q . 36.20 21.33 4.27
HF1 UMQ Q . 36.22 22.64 2.36
HF2 UMQ Q . 34.75 23.16 2.64
HG1 UMQ Q . 33.89 20.99 2.16
HG2 UMQ Q . 35.37 20.48 1.89
HH1 UMQ Q . 34.57 20.91 -0.24
HH2 UMQ Q . 35.45 22.19 0.09
HI1 UMQ Q . 33.69 23.46 -0.19
HI2 UMQ Q . 32.96 22.71 1.00
HJ1 UMQ Q . 31.59 22.43 -0.84
HJ2 UMQ Q . 32.29 21.02 -0.62
HK1 UMQ Q . 33.21 22.93 -2.52
HK2 UMQ Q . 33.85 21.49 -2.31
HL1 UMQ Q . 32.39 21.47 -4.17
HL2 UMQ Q . 31.19 21.92 -3.24
HL3 UMQ Q . 31.85 20.49 -3.05
CF UMQ R . 37.24 8.37 -3.04
CG UMQ R . 37.41 7.52 -4.33
CH UMQ R . 36.15 7.68 -5.23
CI UMQ R . 35.96 9.17 -5.58
CJ UMQ R . 34.73 9.32 -6.52
CK UMQ R . 34.85 8.34 -7.69
CL UMQ R . 33.69 8.56 -8.66
CH UMQ S . 36.59 15.32 -0.67
CI UMQ S . 35.79 16.58 -1.06
CJ UMQ S . 35.09 16.34 -2.42
CK UMQ S . 34.34 17.61 -2.85
CL UMQ S . 33.78 17.41 -4.26
PG ATP T . -26.34 -13.22 14.99
O1G ATP T . -25.55 -13.58 13.76
O2G ATP T . -26.33 -14.39 15.95
O3G ATP T . -27.75 -12.88 14.62
PB ATP T . -26.36 -11.08 16.94
O1B ATP T . -27.48 -10.23 16.39
O2B ATP T . -26.89 -12.01 18.00
O3B ATP T . -25.64 -11.92 15.72
PA ATP T . -23.97 -9.63 16.59
O1A ATP T . -24.57 -9.04 15.32
O2A ATP T . -23.15 -10.85 16.21
O3A ATP T . -25.20 -10.09 17.57
O5' ATP T . -23.02 -8.52 17.32
C5' ATP T . -23.18 -7.18 16.97
C4' ATP T . -22.96 -6.32 18.25
O4' ATP T . -23.83 -6.68 19.15
C3' ATP T . -21.59 -6.66 18.86
O3' ATP T . -20.71 -5.65 18.62
C2' ATP T . -21.79 -6.81 20.37
O2' ATP T . -21.08 -5.69 21.05
C1' ATP T . -23.08 -6.71 20.58
N9 ATP T . -23.55 -7.83 21.34
C8 ATP T . -23.71 -9.11 20.95
N7 ATP T . -24.16 -9.80 22.00
C5 ATP T . -24.27 -8.96 23.04
C6 ATP T . -24.68 -9.14 24.33
N6 ATP T . -25.15 -10.32 25.05
N1 ATP T . -24.70 -8.12 25.17
C2 ATP T . -24.32 -6.89 24.75
N3 ATP T . -23.91 -6.70 23.48
C4 ATP T . -23.89 -7.75 22.63
H5'1 ATP T . -24.07 -7.02 16.62
H5'2 ATP T . -22.52 -6.93 16.30
H4' ATP T . -23.03 -5.38 18.08
H3' ATP T . -21.26 -7.50 18.47
HO3' ATP T . -21.13 -4.92 18.57
H2' ATP T . -21.49 -7.68 20.67
HO2' ATP T . -21.00 -5.04 20.51
H1' ATP T . -23.24 -5.87 21.04
H8 ATP T . -23.55 -9.44 20.10
HN61 ATP T . -25.50 -10.96 24.61
HN62 ATP T . -25.07 -10.37 25.89
H2 ATP T . -24.33 -6.17 25.34
#